data_4B2Z
#
_entry.id   4B2Z
#
_cell.length_a   120.000
_cell.length_b   72.600
_cell.length_c   122.900
_cell.angle_alpha   90.00
_cell.angle_beta   111.40
_cell.angle_gamma   90.00
#
_symmetry.space_group_name_H-M   'C 1 2 1'
#
loop_
_entity.id
_entity.type
_entity.pdbx_description
1 polymer 'Oxysterol-binding protein homolog 6'
2 non-polymer 'SULFATE ION'
3 non-polymer O-[(R)-{[(2R)-2,3-bis(octadecanoyloxy)propyl]oxy}(hydroxy)phosphoryl]-L-serine
4 non-polymer (2R,3S)-1,4-DIMERCAPTOBUTANE-2,3-DIOL
5 non-polymer 2,3-DIHYDROXY-1,4-DITHIOBUTANE
6 water water
#
_entity_poly.entity_id   1
_entity_poly.type   'polypeptide(L)'
_entity_poly.pdbx_seq_one_letter_code
;MGSKKLTVGSDSHRLSKSSFSSNKSSHSATKDQPIDTDDIDEDDESGHNIILNIISQLRPGCDLTRITLPTFILEKKSML
ERVTNQLQFPEFLLQAHSEKDPLKRFLYVMKWYLAGWHIAPKAVKKPLNPVLGEYFTAYWDLPNKQQAYYISEQTSHHPP
ECAYFYMIPESSIRVDGVVIPKSRFLGNSSAAMMDGSTVLQFLDIKDGNGKPEKYVLTQPNVYVRGILFGKMRIELGDHM
IIKSPNFQADIEFKTKGYVFGTYDAIEGTVKDYDGNAYYEISGKWNDVMYLKDLKQPRSSPKVFLDTHKESPLRPKVRPL
SEQGEYESRKLWKKVTDALAVRNHPVATEEKFQIEDHQRQLAKKRIEDGVEFHPKLFRRSKPGEDLDYCIYKNIPVDEDP
EKQIRSILQIAPILPGQQFTDKFFIPAFEKIKSQKKMIENEKQNPAKQ
;
_entity_poly.pdbx_strand_id   A,B
#
loop_
_chem_comp.id
_chem_comp.type
_chem_comp.name
_chem_comp.formula
DTT non-polymer 2,3-DIHYDROXY-1,4-DITHIOBUTANE 'C4 H10 O2 S2'
DTU non-polymer (2R,3S)-1,4-DIMERCAPTOBUTANE-2,3-DIOL 'C4 H10 O2 S2'
P5S non-polymer O-[(R)-{[(2R)-2,3-bis(octadecanoyloxy)propyl]oxy}(hydroxy)phosphoryl]-L-serine 'C42 H82 N O10 P'
SO4 non-polymer 'SULFATE ION' 'O4 S -2'
#
# COMPACT_ATOMS: atom_id res chain seq x y z
N ASP A 36 32.55 -13.81 -12.33
CA ASP A 36 31.89 -13.52 -11.07
C ASP A 36 30.75 -14.51 -10.85
N THR A 37 30.71 -15.15 -9.70
CA THR A 37 29.71 -16.16 -9.43
C THR A 37 28.27 -15.63 -9.50
N ASP A 38 28.10 -14.32 -9.31
CA ASP A 38 26.77 -13.71 -9.42
C ASP A 38 26.19 -13.93 -10.82
N ASP A 39 27.08 -14.20 -11.78
CA ASP A 39 26.67 -14.35 -13.18
C ASP A 39 26.76 -15.79 -13.68
N ILE A 40 27.04 -16.71 -12.76
CA ILE A 40 27.14 -18.12 -13.15
C ILE A 40 25.93 -18.89 -12.63
N ASP A 41 25.24 -19.58 -13.53
CA ASP A 41 24.15 -20.45 -13.10
C ASP A 41 24.72 -21.75 -12.55
N GLU A 42 24.40 -22.07 -11.31
CA GLU A 42 24.93 -23.27 -10.67
C GLU A 42 23.82 -24.30 -10.49
N ASP A 43 22.74 -24.07 -11.22
CA ASP A 43 21.58 -24.93 -11.22
C ASP A 43 21.82 -26.17 -12.07
N ASP A 44 22.85 -26.95 -11.74
CA ASP A 44 23.12 -28.21 -12.43
C ASP A 44 22.10 -29.28 -12.03
N GLU A 45 22.31 -30.52 -12.47
CA GLU A 45 21.36 -31.59 -12.22
C GLU A 45 21.15 -31.85 -10.72
N SER A 46 22.24 -32.01 -9.98
CA SER A 46 22.15 -32.20 -8.52
C SER A 46 21.42 -31.04 -7.85
N GLY A 47 21.83 -29.82 -8.17
CA GLY A 47 21.20 -28.64 -7.63
C GLY A 47 19.73 -28.56 -7.99
N HIS A 48 19.41 -28.76 -9.27
CA HIS A 48 18.03 -28.71 -9.72
C HIS A 48 17.22 -29.81 -9.04
N ASN A 49 17.86 -30.94 -8.73
CA ASN A 49 17.17 -32.01 -8.01
C ASN A 49 16.79 -31.54 -6.61
N ILE A 50 17.69 -30.80 -5.97
CA ILE A 50 17.41 -30.25 -4.65
C ILE A 50 16.20 -29.31 -4.64
N ILE A 51 16.04 -28.55 -5.72
CA ILE A 51 14.92 -27.63 -5.83
C ILE A 51 13.64 -28.40 -6.19
N LEU A 52 13.72 -29.35 -7.13
CA LEU A 52 12.56 -30.18 -7.46
C LEU A 52 12.08 -30.86 -6.19
N ASN A 53 13.01 -31.24 -5.33
CA ASN A 53 12.67 -31.90 -4.08
C ASN A 53 11.83 -31.01 -3.20
N ILE A 54 12.32 -29.81 -2.94
CA ILE A 54 11.58 -28.80 -2.17
C ILE A 54 10.21 -28.54 -2.78
N ILE A 55 10.19 -28.19 -4.07
CA ILE A 55 8.95 -27.91 -4.77
C ILE A 55 7.86 -28.97 -4.51
N SER A 56 8.28 -30.22 -4.24
CA SER A 56 7.33 -31.34 -4.12
C SER A 56 6.54 -31.36 -2.80
N GLN A 57 6.96 -30.55 -1.84
CA GLN A 57 6.26 -30.51 -0.55
C GLN A 57 5.18 -29.42 -0.52
N LEU A 58 5.28 -28.46 -1.45
CA LEU A 58 4.51 -27.23 -1.37
C LEU A 58 3.26 -27.30 -2.24
N ARG A 59 2.28 -26.48 -1.89
CA ARG A 59 1.07 -26.35 -2.67
C ARG A 59 1.02 -24.94 -3.26
N PRO A 60 0.67 -24.83 -4.55
CA PRO A 60 0.65 -23.50 -5.15
C PRO A 60 -0.13 -22.50 -4.29
N GLY A 61 0.44 -21.32 -4.06
CA GLY A 61 -0.20 -20.30 -3.28
C GLY A 61 0.41 -20.14 -1.90
N CYS A 62 1.17 -21.14 -1.45
CA CYS A 62 1.79 -21.08 -0.14
C CYS A 62 2.97 -20.11 -0.16
N ASP A 63 3.47 -19.74 1.01
CA ASP A 63 4.67 -18.89 1.08
C ASP A 63 5.92 -19.73 1.30
N LEU A 64 7.08 -19.09 1.19
CA LEU A 64 8.35 -19.80 1.35
C LEU A 64 9.04 -19.40 2.66
N THR A 65 8.25 -18.94 3.64
CA THR A 65 8.82 -18.53 4.92
C THR A 65 9.32 -19.72 5.77
N ARG A 66 8.86 -20.92 5.44
CA ARG A 66 9.16 -22.12 6.25
C ARG A 66 10.43 -22.86 5.82
N ILE A 67 10.90 -22.58 4.61
CA ILE A 67 11.97 -23.39 4.04
C ILE A 67 13.21 -22.55 3.76
N THR A 68 14.37 -23.21 3.78
CA THR A 68 15.63 -22.55 3.47
C THR A 68 16.06 -22.95 2.07
N LEU A 69 16.13 -21.96 1.19
CA LEU A 69 16.58 -22.17 -0.18
C LEU A 69 18.06 -22.51 -0.14
N PRO A 70 18.57 -23.27 -1.14
CA PRO A 70 19.99 -23.62 -1.11
C PRO A 70 20.88 -22.39 -1.27
N THR A 71 22.15 -22.50 -0.90
CA THR A 71 23.07 -21.39 -1.08
C THR A 71 23.46 -21.14 -2.54
N PHE A 72 23.27 -22.11 -3.43
CA PHE A 72 23.74 -21.93 -4.80
C PHE A 72 22.86 -20.96 -5.60
N ILE A 73 21.73 -20.56 -5.04
CA ILE A 73 20.93 -19.51 -5.67
C ILE A 73 21.13 -18.13 -5.04
N LEU A 74 22.25 -17.94 -4.31
CA LEU A 74 22.54 -16.66 -3.65
C LEU A 74 23.56 -15.82 -4.42
N GLU A 75 23.29 -14.53 -4.58
CA GLU A 75 24.35 -13.62 -5.00
C GLU A 75 25.07 -13.12 -3.75
N LYS A 76 26.23 -12.51 -3.94
CA LYS A 76 27.08 -12.17 -2.80
C LYS A 76 26.81 -10.78 -2.18
N LYS A 77 25.54 -10.50 -1.93
CA LYS A 77 25.10 -9.22 -1.36
C LYS A 77 23.92 -9.49 -0.46
N SER A 78 23.80 -8.72 0.62
CA SER A 78 22.58 -8.67 1.40
C SER A 78 21.52 -7.87 0.63
N MET A 79 20.25 -8.14 0.90
CA MET A 79 19.22 -7.31 0.29
C MET A 79 19.46 -5.83 0.62
N LEU A 80 20.03 -5.55 1.80
CA LEU A 80 20.27 -4.15 2.21
C LEU A 80 21.17 -3.44 1.21
N GLU A 81 22.14 -4.18 0.68
CA GLU A 81 23.04 -3.63 -0.34
C GLU A 81 22.45 -3.72 -1.74
N ARG A 82 21.67 -4.78 -2.01
CA ARG A 82 21.07 -4.92 -3.34
C ARG A 82 20.21 -3.71 -3.68
N VAL A 83 19.57 -3.14 -2.66
CA VAL A 83 18.77 -1.93 -2.83
C VAL A 83 19.58 -0.82 -3.48
N THR A 84 20.86 -0.68 -3.12
CA THR A 84 21.68 0.39 -3.70
C THR A 84 21.95 0.23 -5.20
N ASN A 85 21.79 -0.99 -5.74
CA ASN A 85 21.88 -1.17 -7.19
C ASN A 85 20.93 -0.20 -7.90
N GLN A 86 19.75 -0.03 -7.32
CA GLN A 86 18.70 0.82 -7.87
C GLN A 86 19.08 2.30 -7.85
N LEU A 87 20.08 2.66 -7.05
CA LEU A 87 20.46 4.06 -6.89
C LEU A 87 21.72 4.44 -7.68
N GLN A 88 22.12 3.57 -8.61
CA GLN A 88 23.42 3.74 -9.25
C GLN A 88 23.39 4.71 -10.46
N PHE A 89 22.28 5.40 -10.67
CA PHE A 89 22.20 6.38 -11.75
C PHE A 89 21.76 7.74 -11.24
N PRO A 90 22.54 8.31 -10.31
CA PRO A 90 22.13 9.56 -9.67
C PRO A 90 22.07 10.74 -10.65
N GLU A 91 22.76 10.67 -11.77
CA GLU A 91 22.73 11.78 -12.72
C GLU A 91 21.31 12.07 -13.21
N PHE A 92 20.52 11.02 -13.41
CA PHE A 92 19.14 11.23 -13.83
C PHE A 92 18.35 11.95 -12.75
N LEU A 93 18.60 11.61 -11.48
CA LEU A 93 17.92 12.24 -10.36
C LEU A 93 18.32 13.71 -10.24
N LEU A 94 19.62 13.99 -10.39
CA LEU A 94 20.11 15.37 -10.34
C LEU A 94 19.51 16.21 -11.47
N GLN A 95 19.37 15.60 -12.64
CA GLN A 95 18.73 16.26 -13.77
C GLN A 95 17.29 16.60 -13.46
N ALA A 96 16.57 15.65 -12.88
CA ALA A 96 15.18 15.86 -12.52
C ALA A 96 15.07 17.07 -11.60
N HIS A 97 15.90 17.07 -10.55
CA HIS A 97 15.86 18.16 -9.58
C HIS A 97 16.12 19.55 -10.20
N SER A 98 17.02 19.62 -11.18
CA SER A 98 17.34 20.89 -11.87
C SER A 98 16.37 21.23 -12.98
N GLU A 99 15.51 20.29 -13.38
CA GLU A 99 14.61 20.53 -14.50
C GLU A 99 13.45 21.42 -14.09
N LYS A 100 13.26 22.54 -14.80
CA LYS A 100 12.24 23.52 -14.41
C LYS A 100 10.79 23.12 -14.72
N ASP A 101 10.59 22.46 -15.85
CA ASP A 101 9.25 22.09 -16.27
C ASP A 101 8.75 20.85 -15.52
N PRO A 102 7.57 20.95 -14.88
CA PRO A 102 7.06 19.86 -14.03
C PRO A 102 6.96 18.51 -14.75
N LEU A 103 6.42 18.49 -15.97
CA LEU A 103 6.28 17.23 -16.70
C LEU A 103 7.64 16.63 -17.08
N LYS A 104 8.55 17.45 -17.62
CA LYS A 104 9.89 16.91 -17.92
C LYS A 104 10.58 16.42 -16.65
N ARG A 105 10.42 17.14 -15.54
CA ARG A 105 10.96 16.71 -14.25
C ARG A 105 10.40 15.34 -13.87
N PHE A 106 9.09 15.15 -14.05
CA PHE A 106 8.49 13.83 -13.80
C PHE A 106 9.18 12.75 -14.64
N LEU A 107 9.42 13.06 -15.91
CA LEU A 107 10.03 12.08 -16.79
C LEU A 107 11.42 11.67 -16.34
N TYR A 108 12.21 12.62 -15.88
CA TYR A 108 13.56 12.32 -15.39
C TYR A 108 13.52 11.44 -14.14
N VAL A 109 12.55 11.70 -13.26
CA VAL A 109 12.36 10.83 -12.08
C VAL A 109 12.04 9.41 -12.52
N MET A 110 11.15 9.27 -13.50
CA MET A 110 10.82 7.98 -14.05
C MET A 110 12.06 7.32 -14.67
N LYS A 111 12.85 8.11 -15.37
CA LYS A 111 14.09 7.62 -15.98
C LYS A 111 15.05 7.07 -14.91
N TRP A 112 15.28 7.86 -13.87
CA TRP A 112 16.11 7.46 -12.72
C TRP A 112 15.59 6.18 -12.06
N TYR A 113 14.27 6.07 -11.88
CA TYR A 113 13.70 4.95 -11.17
C TYR A 113 13.78 3.67 -12.00
N LEU A 114 13.68 3.78 -13.31
CA LEU A 114 13.70 2.60 -14.17
C LEU A 114 15.13 2.14 -14.43
N ALA A 115 16.08 3.07 -14.31
CA ALA A 115 17.47 2.79 -14.71
C ALA A 115 18.18 1.67 -13.94
N GLY A 116 17.84 1.49 -12.67
CA GLY A 116 18.55 0.55 -11.81
C GLY A 116 18.21 -0.92 -11.92
N TRP A 117 17.06 -1.25 -12.48
CA TRP A 117 16.56 -2.62 -12.45
C TRP A 117 17.47 -3.61 -13.17
N HIS A 118 18.07 -3.16 -14.27
CA HIS A 118 18.93 -4.05 -15.04
C HIS A 118 20.27 -4.28 -14.33
N ILE A 119 20.56 -3.52 -13.28
CA ILE A 119 21.77 -3.78 -12.49
C ILE A 119 21.50 -4.94 -11.55
N ALA A 120 21.81 -6.14 -12.01
CA ALA A 120 21.34 -7.35 -11.33
C ALA A 120 22.20 -8.53 -11.72
N PRO A 121 22.19 -9.60 -10.90
CA PRO A 121 22.90 -10.82 -11.28
C PRO A 121 22.41 -11.33 -12.66
N LYS A 122 23.32 -11.90 -13.44
CA LYS A 122 22.93 -12.50 -14.71
C LYS A 122 22.40 -13.92 -14.52
N ALA A 123 22.84 -14.56 -13.44
CA ALA A 123 22.32 -15.88 -13.10
C ALA A 123 21.01 -15.71 -12.33
N VAL A 124 20.27 -16.80 -12.19
CA VAL A 124 19.06 -16.76 -11.38
C VAL A 124 19.50 -16.84 -9.91
N LYS A 125 19.72 -15.67 -9.32
CA LYS A 125 20.21 -15.57 -7.95
C LYS A 125 19.52 -14.42 -7.24
N LYS A 126 19.45 -14.54 -5.91
CA LYS A 126 18.78 -13.55 -5.09
C LYS A 126 19.75 -13.08 -3.99
N PRO A 127 19.55 -11.88 -3.47
CA PRO A 127 20.39 -11.40 -2.36
C PRO A 127 20.10 -12.19 -1.08
N LEU A 128 21.05 -12.18 -0.15
CA LEU A 128 20.84 -12.77 1.17
C LEU A 128 19.72 -12.06 1.94
N ASN A 129 18.86 -12.84 2.57
CA ASN A 129 17.87 -12.31 3.49
C ASN A 129 18.61 -11.74 4.71
N PRO A 130 18.46 -10.44 4.98
CA PRO A 130 19.22 -9.83 6.09
C PRO A 130 18.74 -10.35 7.43
N VAL A 131 19.61 -10.37 8.43
CA VAL A 131 19.17 -10.73 9.78
C VAL A 131 18.51 -9.51 10.39
N LEU A 132 17.76 -9.74 11.47
CA LEU A 132 17.02 -8.66 12.13
C LEU A 132 18.01 -7.69 12.77
N GLY A 133 17.91 -6.41 12.42
CA GLY A 133 18.84 -5.42 12.97
C GLY A 133 20.13 -5.30 12.15
N GLU A 134 20.29 -6.13 11.13
CA GLU A 134 21.37 -5.94 10.18
C GLU A 134 21.28 -4.53 9.60
N TYR A 135 22.42 -3.93 9.29
CA TYR A 135 22.46 -2.57 8.74
C TYR A 135 23.55 -2.47 7.68
N PHE A 136 23.33 -1.59 6.72
CA PHE A 136 24.30 -1.38 5.66
C PHE A 136 24.33 0.09 5.34
N THR A 137 25.55 0.66 5.29
CA THR A 137 25.70 2.07 4.94
C THR A 137 26.66 2.18 3.79
N ALA A 138 26.50 3.23 2.99
CA ALA A 138 27.30 3.42 1.79
C ALA A 138 27.20 4.87 1.38
N TYR A 139 28.10 5.30 0.50
CA TYR A 139 28.02 6.67 -0.01
C TYR A 139 28.47 6.68 -1.46
N TRP A 140 28.17 7.77 -2.16
CA TRP A 140 28.66 7.98 -3.50
C TRP A 140 29.41 9.32 -3.58
N ASP A 141 30.53 9.33 -4.29
CA ASP A 141 31.19 10.59 -4.64
C ASP A 141 30.67 10.95 -6.02
N LEU A 142 29.82 11.96 -6.09
CA LEU A 142 29.12 12.25 -7.35
C LEU A 142 29.98 13.08 -8.30
N PRO A 143 29.69 13.00 -9.61
CA PRO A 143 30.42 13.78 -10.63
C PRO A 143 30.43 15.28 -10.32
N ASN A 144 29.37 15.78 -9.70
CA ASN A 144 29.27 17.20 -9.38
C ASN A 144 30.01 17.60 -8.08
N LYS A 145 30.79 16.66 -7.54
CA LYS A 145 31.59 16.88 -6.32
C LYS A 145 30.81 16.89 -5.00
N GLN A 146 29.52 16.53 -5.06
CA GLN A 146 28.74 16.34 -3.86
C GLN A 146 28.78 14.88 -3.45
N GLN A 147 28.22 14.56 -2.29
CA GLN A 147 28.10 13.16 -1.89
C GLN A 147 26.64 12.75 -1.72
N ALA A 148 26.36 11.48 -1.94
CA ALA A 148 25.08 10.90 -1.59
C ALA A 148 25.36 9.96 -0.42
N TYR A 149 24.42 9.86 0.53
CA TYR A 149 24.61 9.01 1.71
C TYR A 149 23.46 8.03 1.84
N TYR A 150 23.77 6.78 2.21
CA TYR A 150 22.76 5.72 2.30
C TYR A 150 22.85 4.98 3.63
N ILE A 151 21.70 4.84 4.29
CA ILE A 151 21.60 4.07 5.52
C ILE A 151 20.42 3.12 5.43
N SER A 152 20.62 1.86 5.83
CA SER A 152 19.52 0.89 5.78
C SER A 152 19.60 -0.07 6.96
N GLU A 153 18.47 -0.65 7.33
CA GLU A 153 18.41 -1.62 8.42
C GLU A 153 17.26 -2.60 8.16
N GLN A 154 17.44 -3.87 8.53
CA GLN A 154 16.35 -4.83 8.50
C GLN A 154 15.54 -4.63 9.77
N THR A 155 14.29 -4.22 9.62
CA THR A 155 13.47 -3.82 10.75
C THR A 155 12.52 -4.91 11.23
N SER A 156 12.25 -5.90 10.37
CA SER A 156 11.37 -6.99 10.78
C SER A 156 11.82 -8.29 10.15
N HIS A 157 11.63 -9.38 10.88
CA HIS A 157 12.01 -10.70 10.39
C HIS A 157 10.78 -11.50 9.97
N HIS A 158 9.75 -11.48 10.81
CA HIS A 158 8.46 -12.13 10.49
C HIS A 158 7.32 -11.13 10.62
N PRO A 159 6.86 -10.59 9.47
CA PRO A 159 7.37 -10.83 8.11
C PRO A 159 8.60 -9.97 7.79
N PRO A 160 9.37 -10.35 6.74
CA PRO A 160 10.61 -9.59 6.51
C PRO A 160 10.34 -8.17 5.99
N GLU A 161 11.19 -7.23 6.42
CA GLU A 161 11.11 -5.86 5.96
C GLU A 161 12.45 -5.19 6.24
N CYS A 162 12.92 -4.37 5.30
CA CYS A 162 14.04 -3.49 5.60
C CYS A 162 13.67 -2.08 5.19
N ALA A 163 14.35 -1.11 5.79
CA ALA A 163 14.08 0.29 5.53
C ALA A 163 15.35 0.94 5.03
N TYR A 164 15.23 1.92 4.14
CA TYR A 164 16.41 2.62 3.66
C TYR A 164 16.19 4.13 3.57
N PHE A 165 17.30 4.86 3.61
CA PHE A 165 17.31 6.31 3.63
C PHE A 165 18.48 6.73 2.74
N TYR A 166 18.24 7.68 1.85
CA TYR A 166 19.26 8.11 0.89
C TYR A 166 19.09 9.60 0.69
N MET A 167 20.18 10.35 0.75
CA MET A 167 20.04 11.80 0.68
C MET A 167 21.26 12.45 0.01
N ILE A 168 20.99 13.47 -0.80
CA ILE A 168 22.05 14.32 -1.33
C ILE A 168 21.74 15.74 -0.86
N PRO A 169 22.16 16.06 0.36
CA PRO A 169 21.70 17.32 0.96
C PRO A 169 22.10 18.54 0.14
N GLU A 170 23.25 18.50 -0.54
CA GLU A 170 23.71 19.65 -1.29
C GLU A 170 22.86 19.92 -2.52
N SER A 171 22.00 18.95 -2.90
CA SER A 171 21.05 19.16 -4.00
C SER A 171 19.59 19.04 -3.55
N SER A 172 19.35 19.15 -2.24
CA SER A 172 18.01 19.11 -1.68
C SER A 172 17.20 17.88 -2.10
N ILE A 173 17.88 16.74 -2.24
CA ILE A 173 17.21 15.51 -2.64
C ILE A 173 17.19 14.50 -1.51
N ARG A 174 15.99 14.03 -1.17
CA ARG A 174 15.86 13.03 -0.11
C ARG A 174 14.99 11.85 -0.53
N VAL A 175 15.45 10.65 -0.21
CA VAL A 175 14.73 9.42 -0.55
C VAL A 175 14.58 8.54 0.69
N ASP A 176 13.37 8.09 0.97
CA ASP A 176 13.09 7.12 2.03
C ASP A 176 12.31 5.96 1.43
N GLY A 177 12.53 4.75 1.93
CA GLY A 177 11.75 3.62 1.44
C GLY A 177 11.78 2.38 2.30
N VAL A 178 11.04 1.34 1.88
CA VAL A 178 11.09 0.05 2.55
C VAL A 178 10.95 -1.03 1.49
N VAL A 179 11.53 -2.19 1.75
CA VAL A 179 11.34 -3.39 0.95
C VAL A 179 10.50 -4.32 1.81
N ILE A 180 9.41 -4.84 1.26
CA ILE A 180 8.55 -5.78 1.97
C ILE A 180 8.25 -6.93 1.01
N PRO A 181 9.12 -7.94 0.98
CA PRO A 181 8.99 -9.05 0.03
C PRO A 181 8.13 -10.16 0.64
N LYS A 182 7.11 -10.58 -0.10
CA LYS A 182 6.29 -11.71 0.34
C LYS A 182 6.53 -12.87 -0.59
N SER A 183 7.17 -13.92 -0.08
CA SER A 183 7.65 -15.01 -0.91
C SER A 183 6.48 -15.96 -1.20
N ARG A 184 6.40 -16.44 -2.43
CA ARG A 184 5.30 -17.29 -2.84
C ARG A 184 5.77 -18.41 -3.76
N PHE A 185 5.26 -19.62 -3.52
CA PHE A 185 5.45 -20.72 -4.46
C PHE A 185 4.17 -20.85 -5.28
N LEU A 186 4.31 -20.90 -6.61
CA LEU A 186 3.13 -20.82 -7.49
C LEU A 186 3.01 -22.02 -8.42
N GLY A 187 3.88 -23.02 -8.21
CA GLY A 187 3.92 -24.18 -9.09
C GLY A 187 5.16 -24.16 -9.95
N ASN A 188 5.00 -23.88 -11.24
CA ASN A 188 6.14 -23.75 -12.13
C ASN A 188 6.85 -22.43 -11.86
N SER A 189 6.17 -21.54 -11.14
CA SER A 189 6.75 -20.24 -10.82
C SER A 189 6.89 -20.04 -9.31
N SER A 190 7.80 -19.15 -8.91
CA SER A 190 7.78 -18.61 -7.55
C SER A 190 7.97 -17.11 -7.65
N ALA A 191 7.77 -16.40 -6.54
CA ALA A 191 7.88 -14.95 -6.62
C ALA A 191 8.22 -14.32 -5.29
N ALA A 192 8.88 -13.17 -5.37
CA ALA A 192 8.86 -12.23 -4.28
C ALA A 192 7.82 -11.19 -4.69
N MET A 193 6.67 -11.21 -4.04
CA MET A 193 5.69 -10.15 -4.20
C MET A 193 6.17 -8.95 -3.42
N MET A 194 6.38 -7.84 -4.13
CA MET A 194 7.07 -6.70 -3.57
C MET A 194 6.09 -5.64 -3.15
N ASP A 195 5.86 -5.53 -1.85
CA ASP A 195 4.87 -4.56 -1.36
C ASP A 195 5.49 -3.29 -0.79
N GLY A 196 6.82 -3.16 -0.88
CA GLY A 196 7.47 -1.97 -0.35
C GLY A 196 7.26 -0.79 -1.29
N SER A 197 7.73 0.38 -0.89
CA SER A 197 7.69 1.56 -1.76
C SER A 197 8.76 2.56 -1.38
N THR A 198 8.86 3.60 -2.19
CA THR A 198 9.86 4.63 -2.03
C THR A 198 9.19 5.96 -2.11
N VAL A 199 9.63 6.88 -1.26
CA VAL A 199 9.21 8.28 -1.32
C VAL A 199 10.41 9.17 -1.67
N LEU A 200 10.28 9.94 -2.75
CA LEU A 200 11.32 10.87 -3.16
C LEU A 200 10.82 12.28 -2.90
N GLN A 201 11.66 13.12 -2.30
CA GLN A 201 11.29 14.51 -2.10
C GLN A 201 12.35 15.48 -2.60
N PHE A 202 11.92 16.53 -3.29
CA PHE A 202 12.81 17.63 -3.63
C PHE A 202 12.51 18.71 -2.59
N LEU A 203 13.40 18.84 -1.60
CA LEU A 203 13.16 19.70 -0.46
C LEU A 203 13.01 21.19 -0.78
N ASP A 204 13.69 21.64 -1.84
CA ASP A 204 13.65 23.05 -2.22
C ASP A 204 12.65 23.34 -3.36
N ILE A 205 11.83 22.36 -3.73
CA ILE A 205 10.74 22.59 -4.69
C ILE A 205 9.40 22.41 -3.99
N LYS A 206 8.74 23.51 -3.68
CA LYS A 206 7.54 23.47 -2.84
C LYS A 206 6.30 23.24 -3.69
N ASP A 207 5.41 22.36 -3.23
CA ASP A 207 4.14 22.11 -3.92
C ASP A 207 3.07 23.08 -3.45
N GLY A 208 1.81 22.81 -3.80
CA GLY A 208 0.72 23.71 -3.46
C GLY A 208 0.51 23.91 -1.96
N ASN A 209 1.07 23.02 -1.13
CA ASN A 209 0.97 23.15 0.32
C ASN A 209 2.15 23.86 0.98
N GLY A 210 3.17 24.18 0.18
CA GLY A 210 4.40 24.73 0.72
C GLY A 210 5.30 23.63 1.26
N LYS A 211 4.96 22.39 0.91
CA LYS A 211 5.74 21.24 1.33
C LYS A 211 6.62 20.79 0.17
N PRO A 212 7.65 19.99 0.45
CA PRO A 212 8.53 19.52 -0.62
C PRO A 212 7.81 18.65 -1.67
N GLU A 213 8.14 18.84 -2.94
CA GLU A 213 7.54 18.06 -4.01
C GLU A 213 7.82 16.58 -3.79
N LYS A 214 6.76 15.78 -3.73
CA LYS A 214 6.90 14.39 -3.32
C LYS A 214 6.47 13.40 -4.40
N TYR A 215 7.31 12.38 -4.62
CA TYR A 215 6.95 11.26 -5.51
C TYR A 215 6.86 9.99 -4.71
N VAL A 216 5.81 9.22 -4.96
CA VAL A 216 5.69 7.87 -4.41
C VAL A 216 5.88 6.86 -5.54
N LEU A 217 6.76 5.90 -5.34
CA LEU A 217 7.08 4.92 -6.38
C LEU A 217 7.01 3.53 -5.81
N THR A 218 6.25 2.65 -6.47
CA THR A 218 6.10 1.29 -5.97
C THR A 218 6.98 0.37 -6.81
N GLN A 219 6.95 -0.91 -6.49
CA GLN A 219 7.90 -1.88 -7.04
C GLN A 219 7.13 -2.97 -7.79
N PRO A 220 7.69 -3.46 -8.90
CA PRO A 220 7.08 -4.60 -9.58
C PRO A 220 7.42 -5.85 -8.80
N ASN A 221 6.73 -6.94 -9.10
CA ASN A 221 6.99 -8.23 -8.46
C ASN A 221 8.11 -8.98 -9.18
N VAL A 222 8.87 -9.77 -8.42
CA VAL A 222 10.02 -10.44 -9.00
C VAL A 222 9.73 -11.93 -9.09
N TYR A 223 9.54 -12.45 -10.30
CA TYR A 223 9.17 -13.85 -10.50
C TYR A 223 10.37 -14.68 -10.92
N VAL A 224 10.36 -15.94 -10.54
CA VAL A 224 11.24 -16.90 -11.20
C VAL A 224 10.37 -17.96 -11.86
N ARG A 225 10.62 -18.20 -13.15
CA ARG A 225 9.83 -19.16 -13.92
C ARG A 225 10.72 -20.33 -14.30
N GLY A 226 10.10 -21.45 -14.64
CA GLY A 226 10.82 -22.58 -15.15
C GLY A 226 11.46 -23.38 -14.04
N ILE A 227 10.88 -23.33 -12.85
CA ILE A 227 11.43 -24.10 -11.74
C ILE A 227 11.14 -25.60 -11.88
N LEU A 228 10.16 -25.95 -12.72
CA LEU A 228 9.87 -27.34 -13.05
C LEU A 228 10.46 -27.75 -14.40
N PHE A 229 9.97 -27.11 -15.47
CA PHE A 229 10.32 -27.48 -16.83
C PHE A 229 11.43 -26.61 -17.39
N GLY A 230 12.62 -27.17 -17.49
CA GLY A 230 13.70 -26.48 -18.15
C GLY A 230 14.45 -25.50 -17.28
N LYS A 231 14.91 -24.41 -17.90
CA LYS A 231 15.79 -23.47 -17.23
C LYS A 231 15.02 -22.35 -16.52
N MET A 232 15.48 -22.02 -15.31
CA MET A 232 14.88 -20.94 -14.57
C MET A 232 15.18 -19.62 -15.25
N ARG A 233 14.29 -18.66 -15.10
CA ARG A 233 14.51 -17.33 -15.63
C ARG A 233 13.78 -16.34 -14.73
N ILE A 234 14.44 -15.27 -14.36
CA ILE A 234 13.78 -14.22 -13.61
C ILE A 234 13.01 -13.29 -14.56
N GLU A 235 11.78 -12.94 -14.17
CA GLU A 235 11.03 -11.90 -14.86
C GLU A 235 10.51 -10.91 -13.85
N LEU A 236 10.50 -9.63 -14.20
CA LEU A 236 9.74 -8.65 -13.44
C LEU A 236 8.33 -8.76 -13.98
N GLY A 237 7.33 -8.46 -13.15
CA GLY A 237 6.00 -8.99 -13.38
C GLY A 237 4.75 -8.18 -13.62
N ASP A 238 4.36 -7.35 -12.67
CA ASP A 238 3.01 -6.80 -12.74
C ASP A 238 2.97 -5.29 -13.01
N HIS A 239 2.48 -4.53 -12.03
CA HIS A 239 2.36 -3.06 -12.16
C HIS A 239 3.22 -2.27 -11.19
N MET A 240 3.88 -1.24 -11.74
CA MET A 240 4.66 -0.27 -10.97
C MET A 240 3.95 1.08 -11.09
N ILE A 241 3.82 1.79 -9.98
CA ILE A 241 3.13 3.07 -9.98
C ILE A 241 4.09 4.18 -9.58
N ILE A 242 4.05 5.31 -10.27
CA ILE A 242 4.79 6.49 -9.87
C ILE A 242 3.81 7.66 -9.76
N LYS A 243 3.69 8.23 -8.58
CA LYS A 243 2.77 9.35 -8.37
C LYS A 243 3.46 10.61 -7.89
N SER A 244 3.11 11.74 -8.51
CA SER A 244 3.58 13.03 -8.04
C SER A 244 2.37 13.91 -7.80
N PRO A 245 2.57 15.16 -7.35
CA PRO A 245 1.40 16.03 -7.10
C PRO A 245 0.62 16.35 -8.39
N ASN A 246 1.30 16.37 -9.54
CA ASN A 246 0.64 16.77 -10.78
C ASN A 246 0.52 15.68 -11.85
N PHE A 247 1.39 14.67 -11.80
CA PHE A 247 1.37 13.62 -12.80
C PHE A 247 1.49 12.25 -12.15
N GLN A 248 1.11 11.23 -12.89
CA GLN A 248 1.26 9.86 -12.43
C GLN A 248 1.53 8.97 -13.61
N ALA A 249 2.10 7.81 -13.34
CA ALA A 249 2.33 6.80 -14.36
C ALA A 249 2.05 5.43 -13.80
N ASP A 250 1.44 4.60 -14.63
CA ASP A 250 1.18 3.22 -14.26
C ASP A 250 1.95 2.42 -15.29
N ILE A 251 2.90 1.65 -14.84
CA ILE A 251 3.76 0.92 -15.76
C ILE A 251 3.63 -0.59 -15.57
N GLU A 252 3.21 -1.27 -16.62
CA GLU A 252 3.06 -2.72 -16.52
C GLU A 252 4.32 -3.41 -16.99
N PHE A 253 4.87 -4.26 -16.14
CA PHE A 253 5.97 -5.10 -16.53
C PHE A 253 5.37 -6.37 -17.11
N LYS A 254 5.45 -6.51 -18.42
CA LYS A 254 4.74 -7.58 -19.11
C LYS A 254 5.39 -8.94 -18.89
N THR A 255 4.55 -9.94 -18.67
CA THR A 255 4.98 -11.32 -18.56
C THR A 255 5.00 -11.92 -19.95
N LYS A 256 6.04 -12.68 -20.26
CA LYS A 256 6.13 -13.26 -21.59
C LYS A 256 4.97 -14.22 -21.83
N GLY A 257 4.21 -13.94 -22.90
CA GLY A 257 3.20 -14.84 -23.44
C GLY A 257 3.71 -16.25 -23.29
N TYR A 258 2.96 -17.28 -23.62
CA TYR A 258 2.75 -17.79 -24.99
C TYR A 258 2.56 -16.97 -26.27
N VAL A 259 1.48 -16.20 -26.40
CA VAL A 259 1.20 -15.54 -27.68
C VAL A 259 1.93 -14.22 -27.76
N PHE A 260 2.24 -13.66 -26.58
CA PHE A 260 2.93 -12.37 -26.50
C PHE A 260 4.36 -12.75 -26.21
N GLY A 261 5.01 -13.42 -27.16
CA GLY A 261 6.25 -14.06 -26.80
C GLY A 261 7.47 -13.17 -26.76
N THR A 262 7.53 -12.27 -25.79
CA THR A 262 8.83 -11.64 -25.50
C THR A 262 8.99 -11.34 -24.01
N TYR A 263 10.24 -11.43 -23.57
CA TYR A 263 10.60 -11.20 -22.19
C TYR A 263 10.93 -9.74 -21.95
N ASP A 264 10.64 -9.27 -20.75
CA ASP A 264 11.21 -8.04 -20.20
C ASP A 264 10.64 -6.74 -20.74
N ALA A 265 9.51 -6.80 -21.43
CA ALA A 265 8.87 -5.59 -21.97
C ALA A 265 8.11 -4.83 -20.88
N ILE A 266 8.01 -3.52 -21.05
CA ILE A 266 7.13 -2.71 -20.22
C ILE A 266 6.19 -1.90 -21.12
N GLU A 267 5.01 -1.57 -20.59
CA GLU A 267 4.07 -0.71 -21.28
C GLU A 267 3.46 0.18 -20.22
N GLY A 268 3.40 1.48 -20.46
CA GLY A 268 2.79 2.36 -19.49
C GLY A 268 2.45 3.72 -20.03
N THR A 269 1.62 4.45 -19.29
CA THR A 269 1.21 5.77 -19.71
C THR A 269 1.48 6.80 -18.62
N VAL A 270 1.98 7.96 -19.02
CA VAL A 270 2.11 9.11 -18.13
C VAL A 270 0.87 9.99 -18.29
N LYS A 271 0.12 10.15 -17.22
CA LYS A 271 -1.14 10.91 -17.24
C LYS A 271 -1.14 12.01 -16.17
N ASP A 272 -2.04 12.99 -16.30
CA ASP A 272 -2.30 13.86 -15.16
C ASP A 272 -3.46 13.25 -14.38
N TYR A 273 -4.12 14.03 -13.53
CA TYR A 273 -5.17 13.46 -12.71
C TYR A 273 -6.55 13.80 -13.26
N ASP A 274 -6.58 14.33 -14.48
CA ASP A 274 -7.85 14.59 -15.19
C ASP A 274 -8.03 13.59 -16.32
N GLY A 275 -7.18 12.56 -16.36
CA GLY A 275 -7.27 11.55 -17.38
C GLY A 275 -6.56 11.84 -18.70
N ASN A 276 -5.85 12.96 -18.77
CA ASN A 276 -5.09 13.31 -19.97
C ASN A 276 -3.80 12.52 -20.05
N ALA A 277 -3.59 11.85 -21.18
CA ALA A 277 -2.38 11.07 -21.38
C ALA A 277 -1.37 11.88 -22.19
N TYR A 278 -0.13 11.91 -21.72
CA TYR A 278 0.92 12.70 -22.35
C TYR A 278 1.93 11.85 -23.10
N TYR A 279 2.34 10.75 -22.49
CA TYR A 279 3.38 9.90 -23.05
C TYR A 279 3.05 8.45 -22.83
N GLU A 280 3.50 7.61 -23.76
CA GLU A 280 3.40 6.19 -23.60
C GLU A 280 4.83 5.64 -23.53
N ILE A 281 5.13 4.86 -22.51
CA ILE A 281 6.45 4.25 -22.43
C ILE A 281 6.38 2.81 -22.90
N SER A 282 7.44 2.36 -23.57
CA SER A 282 7.49 1.00 -24.11
C SER A 282 8.94 0.57 -24.17
N GLY A 283 9.20 -0.62 -24.69
CA GLY A 283 10.58 -1.10 -24.77
C GLY A 283 10.82 -2.14 -23.69
N LYS A 284 12.08 -2.34 -23.31
CA LYS A 284 12.41 -3.37 -22.31
C LYS A 284 13.27 -2.79 -21.20
N TRP A 285 13.00 -3.20 -19.97
CA TRP A 285 13.64 -2.60 -18.80
C TRP A 285 15.12 -2.93 -18.74
N ASN A 286 15.53 -3.96 -19.49
CA ASN A 286 16.96 -4.33 -19.54
C ASN A 286 17.58 -4.18 -20.93
N ASP A 287 16.96 -3.36 -21.77
CA ASP A 287 17.55 -3.04 -23.08
C ASP A 287 17.31 -1.57 -23.37
N VAL A 288 16.39 -1.26 -24.28
CA VAL A 288 16.07 0.13 -24.56
C VAL A 288 14.62 0.42 -24.29
N MET A 289 14.36 1.52 -23.60
CA MET A 289 12.99 1.99 -23.39
C MET A 289 12.73 3.25 -24.21
N TYR A 290 11.49 3.42 -24.65
CA TYR A 290 11.11 4.51 -25.54
C TYR A 290 9.94 5.28 -25.00
N LEU A 291 9.85 6.56 -25.34
CA LEU A 291 8.67 7.38 -25.03
C LEU A 291 8.06 7.93 -26.31
N LYS A 292 6.74 7.82 -26.40
CA LYS A 292 5.99 8.36 -27.53
C LYS A 292 5.17 9.54 -27.04
N ASP A 293 5.31 10.68 -27.72
CA ASP A 293 4.53 11.88 -27.41
C ASP A 293 3.10 11.69 -27.92
N LEU A 294 2.19 11.39 -27.01
CA LEU A 294 0.80 11.13 -27.36
C LEU A 294 0.10 12.37 -27.95
N LYS A 295 0.69 13.54 -27.72
CA LYS A 295 0.16 14.78 -28.27
C LYS A 295 0.46 14.90 -29.76
N GLN A 296 1.49 14.17 -30.21
CA GLN A 296 1.87 14.15 -31.61
C GLN A 296 1.90 12.72 -32.16
N PRO A 297 0.71 12.13 -32.36
CA PRO A 297 0.52 10.72 -32.72
C PRO A 297 1.07 10.32 -34.10
N ARG A 298 1.62 11.28 -34.84
CA ARG A 298 2.31 10.96 -36.08
C ARG A 298 3.73 10.51 -35.78
N SER A 299 4.27 10.99 -34.66
CA SER A 299 5.66 10.74 -34.30
C SER A 299 5.87 9.29 -33.87
N SER A 300 7.11 8.83 -33.99
CA SER A 300 7.47 7.49 -33.55
C SER A 300 8.01 7.57 -32.12
N PRO A 301 7.91 6.45 -31.38
CA PRO A 301 8.54 6.42 -30.06
C PRO A 301 10.00 6.81 -30.17
N LYS A 302 10.49 7.62 -29.25
CA LYS A 302 11.87 8.08 -29.29
C LYS A 302 12.61 7.46 -28.12
N VAL A 303 13.92 7.25 -28.30
CA VAL A 303 14.74 6.63 -27.27
C VAL A 303 14.62 7.43 -25.98
N PHE A 304 14.31 6.74 -24.89
CA PHE A 304 14.11 7.36 -23.57
C PHE A 304 15.23 6.94 -22.63
N LEU A 305 15.47 5.65 -22.56
CA LEU A 305 16.57 5.16 -21.73
C LEU A 305 17.19 3.96 -22.40
N ASP A 306 18.46 4.07 -22.76
CA ASP A 306 19.17 2.96 -23.37
C ASP A 306 20.15 2.46 -22.32
N THR A 307 19.83 1.32 -21.71
CA THR A 307 20.61 0.81 -20.59
C THR A 307 22.01 0.38 -20.98
N HIS A 308 22.26 0.21 -22.29
CA HIS A 308 23.58 -0.17 -22.75
C HIS A 308 24.51 1.04 -22.87
N LYS A 309 23.93 2.23 -22.91
CA LYS A 309 24.73 3.43 -23.14
C LYS A 309 25.05 4.18 -21.84
N GLU A 310 24.26 3.91 -20.83
CA GLU A 310 24.43 4.60 -19.54
C GLU A 310 25.38 3.83 -18.63
N SER A 311 26.34 4.54 -18.02
CA SER A 311 27.30 3.92 -17.12
C SER A 311 26.88 4.11 -15.66
N PRO A 312 26.78 3.01 -14.90
CA PRO A 312 26.36 3.06 -13.49
C PRO A 312 27.47 3.58 -12.59
N LEU A 313 27.09 4.22 -11.49
CA LEU A 313 28.06 4.65 -10.49
C LEU A 313 27.85 3.83 -9.21
N ARG A 314 28.84 3.01 -8.86
CA ARG A 314 28.66 2.06 -7.77
C ARG A 314 28.88 2.75 -6.44
N PRO A 315 28.20 2.27 -5.39
CA PRO A 315 28.41 2.83 -4.05
C PRO A 315 29.81 2.56 -3.49
N LYS A 316 30.30 3.44 -2.62
CA LYS A 316 31.50 3.15 -1.85
C LYS A 316 31.11 2.73 -0.44
N VAL A 317 31.93 1.89 0.19
CA VAL A 317 31.69 1.44 1.56
C VAL A 317 32.97 1.48 2.41
N ARG A 318 32.85 1.90 3.66
CA ARG A 318 33.97 1.88 4.63
C ARG A 318 34.74 0.57 4.58
N PRO A 319 36.05 0.60 4.90
CA PRO A 319 36.80 -0.67 4.91
C PRO A 319 36.16 -1.68 5.86
N LEU A 320 36.30 -2.97 5.56
CA LEU A 320 35.79 -4.03 6.43
C LEU A 320 36.25 -3.94 7.88
N SER A 321 37.52 -3.59 8.09
CA SER A 321 38.07 -3.54 9.45
C SER A 321 37.31 -2.54 10.30
N GLU A 322 36.63 -1.60 9.65
CA GLU A 322 35.87 -0.57 10.35
C GLU A 322 34.41 -0.94 10.54
N GLN A 323 33.98 -2.05 9.96
CA GLN A 323 32.54 -2.36 9.95
C GLN A 323 32.12 -3.13 11.18
N GLY A 324 30.81 -3.16 11.44
CA GLY A 324 30.30 -3.74 12.66
C GLY A 324 29.99 -5.22 12.53
N GLU A 325 29.73 -5.85 13.67
CA GLU A 325 29.45 -7.28 13.72
C GLU A 325 28.25 -7.61 12.84
N TYR A 326 27.23 -6.76 12.87
CA TYR A 326 26.01 -7.02 12.13
C TYR A 326 25.85 -6.09 10.93
N GLU A 327 26.98 -5.59 10.45
CA GLU A 327 26.97 -4.76 9.26
C GLU A 327 27.10 -5.71 8.07
N SER A 328 26.27 -5.51 7.04
CA SER A 328 26.09 -6.50 5.97
C SER A 328 27.34 -7.21 5.45
N ARG A 329 28.26 -6.48 4.83
CA ARG A 329 29.40 -7.14 4.21
C ARG A 329 30.25 -7.90 5.21
N LYS A 330 30.39 -7.34 6.41
CA LYS A 330 31.19 -7.97 7.44
C LYS A 330 30.48 -9.21 8.00
N LEU A 331 29.20 -9.04 8.34
CA LEU A 331 28.40 -10.14 8.86
C LEU A 331 28.44 -11.35 7.93
N TRP A 332 28.22 -11.09 6.64
CA TRP A 332 28.09 -12.18 5.69
C TRP A 332 29.40 -12.61 5.04
N LYS A 333 30.50 -12.00 5.49
CA LYS A 333 31.79 -12.20 4.84
C LYS A 333 32.16 -13.67 4.64
N LYS A 334 32.03 -14.49 5.66
CA LYS A 334 32.41 -15.90 5.50
C LYS A 334 31.46 -16.62 4.52
N VAL A 335 30.19 -16.25 4.54
CA VAL A 335 29.26 -16.83 3.57
C VAL A 335 29.65 -16.43 2.16
N THR A 336 29.87 -15.14 1.93
CA THR A 336 30.17 -14.66 0.58
C THR A 336 31.52 -15.12 0.03
N ASP A 337 32.51 -15.29 0.92
CA ASP A 337 33.80 -15.86 0.51
C ASP A 337 33.58 -17.28 -0.01
N ALA A 338 32.76 -18.04 0.71
CA ALA A 338 32.49 -19.42 0.29
C ALA A 338 31.70 -19.45 -1.03
N LEU A 339 30.75 -18.54 -1.16
CA LEU A 339 29.98 -18.41 -2.40
C LEU A 339 30.88 -18.10 -3.59
N ALA A 340 31.83 -17.17 -3.40
CA ALA A 340 32.73 -16.78 -4.48
C ALA A 340 33.55 -17.95 -5.04
N VAL A 341 33.89 -18.93 -4.21
CA VAL A 341 34.63 -20.10 -4.68
C VAL A 341 33.71 -21.33 -4.87
N ARG A 342 32.41 -21.10 -4.78
CA ARG A 342 31.43 -22.17 -4.98
C ARG A 342 31.64 -23.33 -4.03
N ASN A 343 31.94 -23.01 -2.78
CA ASN A 343 32.04 -24.02 -1.74
C ASN A 343 30.77 -24.00 -0.91
N HIS A 344 29.76 -24.73 -1.34
CA HIS A 344 28.45 -24.63 -0.71
C HIS A 344 28.27 -25.33 0.64
N PRO A 345 29.01 -26.42 0.89
CA PRO A 345 28.99 -26.95 2.25
C PRO A 345 29.47 -25.92 3.26
N VAL A 346 30.48 -25.13 2.92
CA VAL A 346 30.95 -24.09 3.83
C VAL A 346 29.96 -22.93 3.88
N ALA A 347 29.51 -22.48 2.71
CA ALA A 347 28.54 -21.38 2.67
C ALA A 347 27.30 -21.73 3.49
N THR A 348 26.84 -22.97 3.37
CA THR A 348 25.64 -23.42 4.10
C THR A 348 25.89 -23.43 5.62
N GLU A 349 27.02 -23.99 6.03
CA GLU A 349 27.36 -24.03 7.45
C GLU A 349 27.48 -22.61 8.02
N GLU A 350 28.16 -21.73 7.29
CA GLU A 350 28.35 -20.35 7.78
C GLU A 350 27.02 -19.60 7.87
N LYS A 351 26.17 -19.80 6.86
CA LYS A 351 24.84 -19.19 6.88
C LYS A 351 23.99 -19.73 8.03
N PHE A 352 24.07 -21.04 8.28
CA PHE A 352 23.34 -21.65 9.40
C PHE A 352 23.75 -21.07 10.77
N GLN A 353 25.05 -20.92 11.01
CA GLN A 353 25.51 -20.38 12.30
C GLN A 353 24.90 -18.99 12.53
N ILE A 354 24.91 -18.17 11.49
CA ILE A 354 24.35 -16.83 11.57
C ILE A 354 22.85 -16.90 11.83
N GLU A 355 22.14 -17.70 11.03
CA GLU A 355 20.69 -17.71 11.15
C GLU A 355 20.19 -18.44 12.41
N ASP A 356 20.90 -19.45 12.83
CA ASP A 356 20.52 -20.12 14.07
C ASP A 356 20.79 -19.21 15.27
N HIS A 357 21.88 -18.45 15.22
CA HIS A 357 22.12 -17.45 16.27
C HIS A 357 20.93 -16.51 16.40
N GLN A 358 20.39 -16.07 15.25
CA GLN A 358 19.26 -15.15 15.27
C GLN A 358 18.01 -15.82 15.84
N ARG A 359 17.85 -17.11 15.57
CA ARG A 359 16.73 -17.84 16.14
C ARG A 359 16.81 -17.84 17.67
N GLN A 360 18.02 -18.01 18.20
CA GLN A 360 18.24 -18.03 19.65
C GLN A 360 17.97 -16.67 20.27
N LEU A 361 18.39 -15.61 19.58
CA LEU A 361 18.13 -14.25 20.07
C LEU A 361 16.64 -14.00 20.11
N ALA A 362 15.91 -14.51 19.11
CA ALA A 362 14.47 -14.26 19.04
C ALA A 362 13.74 -14.99 20.17
N LYS A 363 14.26 -16.17 20.55
CA LYS A 363 13.67 -16.93 21.64
C LYS A 363 13.85 -16.19 22.96
N LYS A 364 15.06 -15.73 23.23
CA LYS A 364 15.32 -14.96 24.44
C LYS A 364 14.34 -13.79 24.54
N ARG A 365 14.22 -13.02 23.46
CA ARG A 365 13.28 -11.90 23.45
C ARG A 365 11.90 -12.31 23.94
N ILE A 366 11.35 -13.37 23.35
CA ILE A 366 10.05 -13.88 23.76
C ILE A 366 10.04 -14.28 25.23
N GLU A 367 11.08 -15.00 25.63
CA GLU A 367 11.24 -15.37 27.04
C GLU A 367 11.19 -14.14 27.96
N ASP A 368 11.81 -13.05 27.51
CA ASP A 368 11.92 -11.87 28.37
C ASP A 368 10.77 -10.88 28.16
N GLY A 369 9.76 -11.31 27.42
CA GLY A 369 8.59 -10.48 27.18
C GLY A 369 8.90 -9.25 26.35
N VAL A 370 10.07 -9.22 25.72
CA VAL A 370 10.48 -8.06 24.93
C VAL A 370 10.38 -8.29 23.42
N GLU A 371 10.35 -7.19 22.69
CA GLU A 371 10.37 -7.22 21.24
C GLU A 371 11.62 -6.54 20.69
N PHE A 372 11.94 -6.84 19.44
CA PHE A 372 13.05 -6.17 18.78
C PHE A 372 12.67 -4.72 18.47
N HIS A 373 13.63 -3.82 18.62
CA HIS A 373 13.42 -2.43 18.22
C HIS A 373 14.60 -1.98 17.36
N PRO A 374 14.30 -1.49 16.15
CA PRO A 374 15.36 -1.08 15.23
C PRO A 374 16.23 0.00 15.86
N LYS A 375 17.50 0.03 15.45
CA LYS A 375 18.44 1.01 15.94
C LYS A 375 18.32 2.37 15.23
N LEU A 376 18.00 2.33 13.94
CA LEU A 376 18.18 3.49 13.05
C LEU A 376 16.89 4.10 12.51
N PHE A 377 15.79 3.35 12.62
CA PHE A 377 14.53 3.75 12.01
C PHE A 377 13.39 3.76 13.04
N ARG A 378 12.58 4.82 13.00
CA ARG A 378 11.44 4.90 13.89
C ARG A 378 10.16 4.50 13.17
N ARG A 379 9.24 3.91 13.92
CA ARG A 379 7.96 3.44 13.38
C ARG A 379 7.11 4.64 12.99
N SER A 380 6.55 4.64 11.79
CA SER A 380 5.70 5.74 11.38
C SER A 380 4.31 5.70 12.02
N LYS A 381 3.64 6.85 12.05
CA LYS A 381 2.27 6.92 12.54
C LYS A 381 1.30 6.39 11.48
N PRO A 382 0.09 6.01 11.88
CA PRO A 382 -0.90 5.50 10.93
C PRO A 382 -1.20 6.51 9.82
N GLY A 383 -1.46 6.00 8.62
CA GLY A 383 -1.89 6.86 7.53
C GLY A 383 -0.75 7.53 6.77
N GLU A 384 0.49 7.21 7.16
CA GLU A 384 1.69 7.74 6.50
C GLU A 384 2.19 6.82 5.38
N ASP A 385 3.18 7.28 4.62
CA ASP A 385 3.60 6.57 3.39
C ASP A 385 4.38 5.28 3.65
N LEU A 386 5.20 5.26 4.70
CA LEU A 386 6.13 4.16 4.91
C LEU A 386 6.02 3.64 6.33
N ASP A 387 6.28 2.35 6.52
CA ASP A 387 6.27 1.76 7.86
C ASP A 387 7.29 2.41 8.76
N TYR A 388 8.44 2.76 8.18
CA TYR A 388 9.60 3.24 8.93
C TYR A 388 10.27 4.41 8.23
N CYS A 389 10.84 5.32 9.01
CA CYS A 389 11.66 6.40 8.50
C CYS A 389 12.86 6.56 9.42
N ILE A 390 13.97 7.04 8.86
CA ILE A 390 15.19 7.26 9.66
C ILE A 390 14.80 8.12 10.89
N TYR A 391 15.34 7.78 12.06
CA TYR A 391 14.86 8.39 13.31
C TYR A 391 15.27 9.85 13.46
N LYS A 392 16.37 10.22 12.83
CA LYS A 392 17.00 11.53 13.04
C LYS A 392 16.18 12.62 12.38
N ASN A 393 15.87 13.68 13.13
CA ASN A 393 15.17 14.80 12.55
C ASN A 393 16.10 15.63 11.67
N ILE A 394 15.76 15.75 10.39
CA ILE A 394 16.55 16.52 9.45
C ILE A 394 15.65 17.58 8.81
N PRO A 395 15.63 18.78 9.42
CA PRO A 395 14.70 19.84 8.98
C PRO A 395 14.80 20.10 7.48
N VAL A 396 13.65 20.24 6.83
CA VAL A 396 13.60 20.42 5.38
C VAL A 396 14.46 21.59 4.92
N ASP A 397 14.40 22.70 5.66
CA ASP A 397 15.08 23.92 5.23
C ASP A 397 16.39 24.20 5.97
N GLU A 398 16.88 23.20 6.71
CA GLU A 398 18.19 23.31 7.37
C GLU A 398 19.34 23.40 6.35
N ASP A 399 20.37 24.19 6.67
CA ASP A 399 21.56 24.27 5.83
C ASP A 399 22.12 22.87 5.50
N PRO A 400 22.40 22.60 4.22
CA PRO A 400 22.88 21.27 3.82
C PRO A 400 24.07 20.77 4.64
N GLU A 401 24.97 21.67 5.01
CA GLU A 401 26.14 21.31 5.78
C GLU A 401 25.74 20.75 7.14
N LYS A 402 24.71 21.32 7.76
CA LYS A 402 24.20 20.83 9.04
C LYS A 402 23.44 19.51 8.89
N GLN A 403 22.73 19.36 7.79
CA GLN A 403 22.04 18.12 7.48
C GLN A 403 23.06 17.00 7.31
N ILE A 404 24.18 17.30 6.64
CA ILE A 404 25.21 16.30 6.45
C ILE A 404 25.80 15.80 7.78
N ARG A 405 26.13 16.73 8.68
CA ARG A 405 26.61 16.34 10.01
C ARG A 405 25.60 15.50 10.80
N SER A 406 24.32 15.83 10.67
CA SER A 406 23.27 15.04 11.33
C SER A 406 23.24 13.62 10.80
N ILE A 407 23.33 13.49 9.48
CA ILE A 407 23.34 12.18 8.85
C ILE A 407 24.51 11.35 9.35
N LEU A 408 25.68 11.98 9.44
CA LEU A 408 26.90 11.28 9.80
C LEU A 408 26.92 10.87 11.28
N GLN A 409 26.02 11.47 12.06
CA GLN A 409 25.87 11.12 13.47
C GLN A 409 24.93 9.94 13.66
N ILE A 410 24.20 9.59 12.62
CA ILE A 410 23.25 8.46 12.73
C ILE A 410 23.98 7.14 12.82
N ALA A 411 24.99 6.96 11.96
CA ALA A 411 25.75 5.72 11.89
C ALA A 411 27.05 5.96 11.16
N PRO A 412 28.06 5.10 11.37
CA PRO A 412 29.28 5.23 10.58
C PRO A 412 29.00 5.02 9.11
N ILE A 413 29.39 5.98 8.28
CA ILE A 413 29.17 5.89 6.84
C ILE A 413 30.47 6.14 6.07
N LEU A 414 31.20 7.19 6.45
CA LEU A 414 32.44 7.57 5.78
C LEU A 414 33.66 6.89 6.42
N PRO A 415 34.72 6.71 5.64
CA PRO A 415 35.91 6.04 6.18
C PRO A 415 36.43 6.76 7.42
N GLY A 416 36.71 5.99 8.47
CA GLY A 416 37.29 6.55 9.67
C GLY A 416 36.26 6.83 10.75
N GLN A 417 34.97 6.73 10.43
CA GLN A 417 33.97 6.98 11.45
C GLN A 417 33.95 5.85 12.48
N GLN A 418 33.45 6.14 13.67
CA GLN A 418 33.47 5.17 14.76
C GLN A 418 32.07 4.92 15.28
N PHE A 419 31.86 3.74 15.84
CA PHE A 419 30.62 3.43 16.55
C PHE A 419 30.71 4.02 17.96
N THR A 420 29.54 4.31 18.54
CA THR A 420 29.42 4.60 19.96
C THR A 420 28.22 3.85 20.51
N ASP A 421 28.08 3.82 21.82
CA ASP A 421 26.94 3.18 22.44
C ASP A 421 25.61 3.67 21.89
N LYS A 422 25.52 4.95 21.55
CA LYS A 422 24.27 5.52 21.07
C LYS A 422 23.73 4.75 19.86
N PHE A 423 24.63 4.27 19.01
CA PHE A 423 24.24 3.57 17.79
C PHE A 423 23.34 2.40 18.14
N PHE A 424 23.64 1.71 19.24
CA PHE A 424 22.94 0.48 19.56
C PHE A 424 21.66 0.74 20.36
N ILE A 425 21.50 1.96 20.87
CA ILE A 425 20.24 2.34 21.51
C ILE A 425 19.13 2.33 20.46
N PRO A 426 17.95 1.76 20.80
CA PRO A 426 16.81 1.68 19.87
C PRO A 426 16.37 3.06 19.40
N ALA A 427 15.93 3.17 18.15
CA ALA A 427 15.47 4.44 17.61
C ALA A 427 14.42 5.11 18.51
N PHE A 428 13.52 4.31 19.05
CA PHE A 428 12.40 4.88 19.81
C PHE A 428 12.90 5.57 21.10
N GLU A 429 14.04 5.14 21.60
CA GLU A 429 14.64 5.73 22.78
C GLU A 429 15.34 7.02 22.39
N LYS A 430 15.85 7.06 21.17
CA LYS A 430 16.59 8.20 20.66
C LYS A 430 15.69 9.34 20.19
N ILE A 431 14.45 9.02 19.80
CA ILE A 431 13.49 10.06 19.42
C ILE A 431 12.86 10.71 20.66
N LYS A 432 12.93 10.01 21.79
CA LYS A 432 12.45 10.58 23.06
C LYS A 432 13.39 11.68 23.56
N SER A 433 14.68 11.49 23.35
CA SER A 433 15.68 12.48 23.73
C SER A 433 15.65 13.68 22.77
N GLN A 434 15.59 13.41 21.47
CA GLN A 434 15.50 14.47 20.46
C GLN A 434 14.45 15.51 20.84
N ILE B 35 -36.39 13.50 -3.22
CA ILE B 35 -37.09 13.37 -1.95
C ILE B 35 -36.14 13.37 -0.74
N ASP B 36 -35.14 12.49 -0.78
CA ASP B 36 -34.09 12.41 0.24
C ASP B 36 -33.00 13.42 -0.14
N THR B 37 -32.57 14.23 0.81
CA THR B 37 -31.56 15.26 0.51
C THR B 37 -30.25 14.69 -0.04
N ASP B 38 -29.96 13.43 0.29
CA ASP B 38 -28.74 12.79 -0.23
C ASP B 38 -28.75 12.77 -1.76
N ASP B 39 -29.93 12.90 -2.35
CA ASP B 39 -30.11 12.81 -3.81
C ASP B 39 -30.45 14.16 -4.45
N ILE B 40 -30.41 15.23 -3.66
CA ILE B 40 -30.70 16.55 -4.19
C ILE B 40 -29.42 17.38 -4.27
N ASP B 41 -29.14 17.93 -5.45
CA ASP B 41 -28.01 18.82 -5.61
C ASP B 41 -28.40 20.19 -5.09
N GLU B 42 -27.62 20.71 -4.15
CA GLU B 42 -27.92 22.00 -3.54
C GLU B 42 -26.90 23.02 -3.99
N ASP B 43 -26.17 22.66 -5.04
CA ASP B 43 -25.14 23.49 -5.61
C ASP B 43 -25.75 24.60 -6.47
N ASP B 44 -26.61 25.43 -5.87
CA ASP B 44 -27.18 26.57 -6.59
C ASP B 44 -26.14 27.67 -6.77
N GLU B 45 -26.56 28.84 -7.27
CA GLU B 45 -25.61 29.90 -7.60
C GLU B 45 -24.84 30.42 -6.39
N SER B 46 -25.56 30.72 -5.31
CA SER B 46 -24.92 31.10 -4.04
C SER B 46 -23.93 30.02 -3.56
N GLY B 47 -24.38 28.78 -3.55
CA GLY B 47 -23.56 27.67 -3.11
C GLY B 47 -22.34 27.51 -4.00
N HIS B 48 -22.57 27.52 -5.31
CA HIS B 48 -21.46 27.38 -6.23
C HIS B 48 -20.50 28.56 -6.15
N ASN B 49 -21.01 29.74 -5.80
CA ASN B 49 -20.13 30.88 -5.54
C ASN B 49 -19.23 30.63 -4.35
N ILE B 50 -19.77 29.99 -3.31
CA ILE B 50 -18.98 29.67 -2.11
C ILE B 50 -17.83 28.77 -2.51
N ILE B 51 -18.08 27.84 -3.43
CA ILE B 51 -17.07 26.87 -3.82
C ILE B 51 -16.03 27.48 -4.77
N LEU B 52 -16.50 28.29 -5.71
CA LEU B 52 -15.58 29.06 -6.53
C LEU B 52 -14.67 29.92 -5.68
N ASN B 53 -15.22 30.52 -4.63
CA ASN B 53 -14.45 31.32 -3.69
C ASN B 53 -13.31 30.51 -3.09
N ILE B 54 -13.63 29.37 -2.51
CA ILE B 54 -12.63 28.50 -1.91
C ILE B 54 -11.57 28.16 -2.94
N ILE B 55 -12.02 27.61 -4.06
CA ILE B 55 -11.12 27.18 -5.12
C ILE B 55 -10.09 28.25 -5.50
N SER B 56 -10.43 29.53 -5.29
CA SER B 56 -9.54 30.63 -5.67
C SER B 56 -8.31 30.84 -4.77
N GLN B 57 -8.28 30.20 -3.60
CA GLN B 57 -7.13 30.35 -2.69
C GLN B 57 -6.11 29.25 -2.90
N LEU B 58 -6.53 28.19 -3.59
CA LEU B 58 -5.75 26.96 -3.63
C LEU B 58 -4.93 26.84 -4.90
N ARG B 59 -3.86 26.07 -4.82
CA ARG B 59 -3.01 25.80 -5.96
C ARG B 59 -3.13 24.32 -6.30
N PRO B 60 -3.28 23.99 -7.58
CA PRO B 60 -3.44 22.58 -7.94
C PRO B 60 -2.36 21.73 -7.28
N GLY B 61 -2.76 20.61 -6.68
CA GLY B 61 -1.81 19.71 -6.05
C GLY B 61 -1.86 19.79 -4.54
N CYS B 62 -2.42 20.87 -4.02
CA CYS B 62 -2.52 21.05 -2.57
C CYS B 62 -3.56 20.12 -1.96
N ASP B 63 -3.52 19.93 -0.64
CA ASP B 63 -4.56 19.12 0.00
C ASP B 63 -5.69 20.01 0.51
N LEU B 64 -6.77 19.39 0.98
CA LEU B 64 -7.90 20.13 1.51
C LEU B 64 -8.01 20.00 3.03
N THR B 65 -6.90 19.68 3.70
CA THR B 65 -6.93 19.46 5.15
C THR B 65 -7.11 20.76 5.93
N ARG B 66 -6.88 21.91 5.28
CA ARG B 66 -6.87 23.20 5.96
C ARG B 66 -8.23 23.91 5.93
N ILE B 67 -9.13 23.45 5.07
CA ILE B 67 -10.36 24.17 4.85
C ILE B 67 -11.59 23.31 5.20
N THR B 68 -12.68 23.97 5.57
CA THR B 68 -13.93 23.30 5.87
C THR B 68 -14.89 23.48 4.71
N LEU B 69 -15.20 22.39 4.03
CA LEU B 69 -16.16 22.40 2.92
C LEU B 69 -17.55 22.75 3.47
N PRO B 70 -18.42 23.33 2.63
CA PRO B 70 -19.75 23.72 3.13
C PRO B 70 -20.58 22.51 3.52
N THR B 71 -21.58 22.71 4.38
CA THR B 71 -22.47 21.62 4.76
C THR B 71 -23.38 21.13 3.61
N PHE B 72 -23.57 21.96 2.58
CA PHE B 72 -24.52 21.59 1.53
C PHE B 72 -23.98 20.49 0.63
N ILE B 73 -22.70 20.15 0.77
CA ILE B 73 -22.16 19.00 0.04
C ILE B 73 -22.05 17.72 0.89
N LEU B 74 -22.77 17.69 2.01
CA LEU B 74 -22.73 16.51 2.91
C LEU B 74 -23.95 15.60 2.74
N GLU B 75 -23.71 14.29 2.71
CA GLU B 75 -24.80 13.33 2.86
C GLU B 75 -24.96 13.04 4.35
N LYS B 76 -26.08 12.44 4.74
CA LYS B 76 -26.41 12.33 6.16
C LYS B 76 -25.87 11.05 6.81
N LYS B 77 -24.60 10.76 6.57
CA LYS B 77 -23.93 9.57 7.14
C LYS B 77 -22.50 9.96 7.47
N SER B 78 -21.95 9.41 8.55
CA SER B 78 -20.50 9.45 8.79
C SER B 78 -19.79 8.53 7.79
N MET B 79 -18.53 8.80 7.51
CA MET B 79 -17.75 7.85 6.70
C MET B 79 -17.81 6.45 7.29
N LEU B 80 -17.90 6.32 8.62
CA LEU B 80 -17.87 5.01 9.27
C LEU B 80 -19.09 4.20 8.84
N GLU B 81 -20.21 4.88 8.64
CA GLU B 81 -21.41 4.21 8.14
C GLU B 81 -21.38 4.05 6.61
N ARG B 82 -20.83 5.04 5.90
CA ARG B 82 -20.77 4.97 4.43
C ARG B 82 -20.03 3.70 3.97
N VAL B 83 -19.03 3.28 4.74
CA VAL B 83 -18.33 2.03 4.47
C VAL B 83 -19.30 0.83 4.33
N THR B 84 -20.32 0.76 5.19
CA THR B 84 -21.27 -0.36 5.13
C THR B 84 -22.09 -0.42 3.83
N ASN B 85 -22.22 0.71 3.11
CA ASN B 85 -22.87 0.66 1.79
C ASN B 85 -22.21 -0.42 0.95
N GLN B 86 -20.90 -0.51 1.05
CA GLN B 86 -20.11 -1.47 0.27
C GLN B 86 -20.38 -2.93 0.67
N LEU B 87 -20.98 -3.12 1.84
CA LEU B 87 -21.21 -4.47 2.35
C LEU B 87 -22.64 -4.93 2.16
N GLN B 88 -23.40 -4.22 1.34
CA GLN B 88 -24.84 -4.47 1.25
C GLN B 88 -25.24 -5.60 0.30
N PHE B 89 -24.25 -6.33 -0.22
CA PHE B 89 -24.53 -7.50 -1.07
C PHE B 89 -23.89 -8.77 -0.53
N PRO B 90 -24.24 -9.17 0.69
CA PRO B 90 -23.58 -10.32 1.31
C PRO B 90 -23.84 -11.64 0.56
N GLU B 91 -24.93 -11.74 -0.19
CA GLU B 91 -25.21 -13.00 -0.90
C GLU B 91 -24.05 -13.37 -1.84
N PHE B 92 -23.43 -12.37 -2.46
CA PHE B 92 -22.33 -12.68 -3.37
C PHE B 92 -21.15 -13.23 -2.59
N LEU B 93 -20.92 -12.68 -1.40
CA LEU B 93 -19.84 -13.14 -0.55
C LEU B 93 -20.09 -14.57 -0.06
N LEU B 94 -21.32 -14.84 0.39
CA LEU B 94 -21.69 -16.21 0.80
C LEU B 94 -21.55 -17.21 -0.34
N GLN B 95 -21.86 -16.78 -1.56
CA GLN B 95 -21.73 -17.65 -2.72
C GLN B 95 -20.27 -17.98 -2.95
N ALA B 96 -19.42 -16.95 -2.85
CA ALA B 96 -17.99 -17.14 -3.03
C ALA B 96 -17.48 -18.17 -2.05
N HIS B 97 -17.81 -18.00 -0.78
CA HIS B 97 -17.37 -18.93 0.26
C HIS B 97 -17.81 -20.38 0.01
N SER B 98 -19.02 -20.58 -0.53
CA SER B 98 -19.52 -21.93 -0.83
C SER B 98 -19.02 -22.49 -2.17
N GLU B 99 -18.44 -21.63 -3.01
CA GLU B 99 -18.03 -22.07 -4.35
C GLU B 99 -16.76 -22.92 -4.28
N LYS B 100 -16.82 -24.13 -4.81
CA LYS B 100 -15.68 -25.05 -4.69
C LYS B 100 -14.50 -24.74 -5.61
N ASP B 101 -14.78 -24.29 -6.84
CA ASP B 101 -13.71 -23.99 -7.79
C ASP B 101 -13.01 -22.66 -7.44
N PRO B 102 -11.68 -22.68 -7.30
CA PRO B 102 -10.91 -21.49 -6.90
C PRO B 102 -11.15 -20.28 -7.81
N LEU B 103 -11.11 -20.46 -9.12
CA LEU B 103 -11.33 -19.35 -10.05
C LEU B 103 -12.74 -18.76 -9.97
N LYS B 104 -13.76 -19.61 -9.96
CA LYS B 104 -15.13 -19.11 -9.80
C LYS B 104 -15.30 -18.40 -8.43
N ARG B 105 -14.68 -18.95 -7.40
CA ARG B 105 -14.71 -18.31 -6.08
C ARG B 105 -14.09 -16.92 -6.16
N PHE B 106 -12.97 -16.79 -6.86
CA PHE B 106 -12.39 -15.45 -7.08
C PHE B 106 -13.40 -14.51 -7.75
N LEU B 107 -14.07 -14.99 -8.79
CA LEU B 107 -15.04 -14.16 -9.52
C LEU B 107 -16.16 -13.66 -8.60
N TYR B 108 -16.63 -14.53 -7.70
CA TYR B 108 -17.72 -14.13 -6.80
C TYR B 108 -17.24 -13.07 -5.81
N VAL B 109 -16.01 -13.21 -5.33
CA VAL B 109 -15.42 -12.17 -4.46
C VAL B 109 -15.36 -10.83 -5.21
N MET B 110 -14.90 -10.88 -6.45
CA MET B 110 -14.86 -9.68 -7.28
C MET B 110 -16.28 -9.12 -7.48
N LYS B 111 -17.26 -9.99 -7.70
CA LYS B 111 -18.65 -9.55 -7.85
C LYS B 111 -19.11 -8.82 -6.59
N TRP B 112 -18.90 -9.44 -5.43
CA TRP B 112 -19.27 -8.84 -4.14
C TRP B 112 -18.59 -7.49 -3.93
N TYR B 113 -17.31 -7.40 -4.27
CA TYR B 113 -16.56 -6.17 -4.01
C TYR B 113 -17.00 -5.04 -4.94
N LEU B 114 -17.37 -5.38 -6.16
CA LEU B 114 -17.79 -4.34 -7.10
C LEU B 114 -19.23 -3.88 -6.86
N ALA B 115 -20.04 -4.73 -6.24
CA ALA B 115 -21.48 -4.49 -6.14
C ALA B 115 -21.88 -3.27 -5.31
N GLY B 116 -21.07 -2.90 -4.33
CA GLY B 116 -21.46 -1.84 -3.40
C GLY B 116 -21.28 -0.41 -3.88
N TRP B 117 -20.43 -0.21 -4.89
CA TRP B 117 -20.01 1.15 -5.26
C TRP B 117 -21.16 2.05 -5.73
N HIS B 118 -22.12 1.46 -6.42
CA HIS B 118 -23.28 2.22 -6.92
C HIS B 118 -24.26 2.57 -5.79
N ILE B 119 -24.10 1.97 -4.61
CA ILE B 119 -24.93 2.38 -3.47
C ILE B 119 -24.32 3.68 -2.89
N ALA B 120 -24.83 4.81 -3.36
CA ALA B 120 -24.19 6.08 -3.12
C ALA B 120 -25.19 7.21 -3.33
N PRO B 121 -24.89 8.40 -2.79
CA PRO B 121 -25.74 9.56 -3.03
C PRO B 121 -25.87 9.82 -4.52
N LYS B 122 -27.03 10.27 -4.97
CA LYS B 122 -27.18 10.68 -6.37
C LYS B 122 -26.67 12.10 -6.59
N ALA B 123 -26.74 12.93 -5.56
CA ALA B 123 -26.16 14.26 -5.63
C ALA B 123 -24.64 14.17 -5.42
N VAL B 124 -23.94 15.25 -5.76
CA VAL B 124 -22.52 15.33 -5.47
C VAL B 124 -22.37 15.65 -3.99
N LYS B 125 -22.29 14.59 -3.18
CA LYS B 125 -22.21 14.72 -1.73
C LYS B 125 -21.24 13.69 -1.16
N LYS B 126 -20.71 13.99 0.02
CA LYS B 126 -19.71 13.13 0.66
C LYS B 126 -20.15 12.88 2.11
N PRO B 127 -19.72 11.76 2.68
CA PRO B 127 -20.06 11.49 4.08
C PRO B 127 -19.33 12.47 5.01
N LEU B 128 -19.85 12.63 6.23
CA LEU B 128 -19.18 13.42 7.25
C LEU B 128 -17.84 12.80 7.63
N ASN B 129 -16.83 13.65 7.78
CA ASN B 129 -15.54 13.25 8.30
C ASN B 129 -15.71 12.88 9.79
N PRO B 130 -15.41 11.63 10.16
CA PRO B 130 -15.68 11.23 11.54
C PRO B 130 -14.75 11.95 12.53
N VAL B 131 -15.19 12.14 13.77
CA VAL B 131 -14.27 12.67 14.77
C VAL B 131 -13.35 11.55 15.28
N LEU B 132 -12.27 11.93 15.92
CA LEU B 132 -11.28 10.97 16.39
C LEU B 132 -11.91 10.13 17.51
N GLY B 133 -11.86 8.81 17.36
CA GLY B 133 -12.50 7.95 18.35
C GLY B 133 -13.98 7.74 18.10
N GLU B 134 -14.55 8.40 17.11
CA GLU B 134 -15.93 8.07 16.69
C GLU B 134 -15.99 6.59 16.36
N TYR B 135 -17.15 5.95 16.65
CA TYR B 135 -17.33 4.55 16.33
C TYR B 135 -18.73 4.31 15.79
N PHE B 136 -18.88 3.28 14.97
CA PHE B 136 -20.18 2.93 14.42
C PHE B 136 -20.25 1.43 14.36
N THR B 137 -21.36 0.88 14.86
CA THR B 137 -21.58 -0.57 14.79
C THR B 137 -22.93 -0.83 14.09
N ALA B 138 -23.04 -1.99 13.46
CA ALA B 138 -24.24 -2.36 12.72
C ALA B 138 -24.23 -3.85 12.54
N TYR B 139 -25.38 -4.41 12.16
CA TYR B 139 -25.43 -5.84 11.88
C TYR B 139 -26.39 -6.07 10.74
N TRP B 140 -26.38 -7.27 10.19
CA TRP B 140 -27.34 -7.67 9.16
C TRP B 140 -28.00 -8.97 9.59
N ASP B 141 -29.29 -9.09 9.36
CA ASP B 141 -29.98 -10.37 9.48
C ASP B 141 -30.02 -10.96 8.09
N LEU B 142 -29.22 -12.00 7.85
CA LEU B 142 -29.01 -12.46 6.50
C LEU B 142 -30.15 -13.42 6.08
N PRO B 143 -30.37 -13.57 4.76
CA PRO B 143 -31.42 -14.47 4.25
C PRO B 143 -31.24 -15.91 4.74
N ASN B 144 -29.99 -16.33 4.97
CA ASN B 144 -29.71 -17.69 5.46
C ASN B 144 -29.88 -17.84 6.98
N LYS B 145 -30.42 -16.81 7.63
CA LYS B 145 -30.72 -16.84 9.07
C LYS B 145 -29.49 -16.67 9.98
N GLN B 146 -28.36 -16.33 9.38
CA GLN B 146 -27.17 -15.98 10.14
C GLN B 146 -27.11 -14.46 10.29
N GLN B 147 -26.18 -13.98 11.11
CA GLN B 147 -25.96 -12.53 11.19
C GLN B 147 -24.56 -12.15 10.72
N ALA B 148 -24.45 -10.92 10.22
CA ALA B 148 -23.14 -10.33 9.96
C ALA B 148 -22.98 -9.21 10.97
N TYR B 149 -21.77 -9.01 11.47
CA TYR B 149 -21.53 -7.97 12.48
C TYR B 149 -20.45 -7.01 12.00
N TYR B 150 -20.65 -5.71 12.24
CA TYR B 150 -19.72 -4.65 11.78
C TYR B 150 -19.33 -3.72 12.93
N ILE B 151 -18.03 -3.48 13.07
CA ILE B 151 -17.52 -2.53 14.05
C ILE B 151 -16.51 -1.63 13.37
N SER B 152 -16.60 -0.33 13.59
CA SER B 152 -15.62 0.59 13.01
C SER B 152 -15.29 1.71 13.97
N GLU B 153 -14.14 2.37 13.75
CA GLU B 153 -13.69 3.46 14.60
C GLU B 153 -12.78 4.37 13.78
N GLN B 154 -12.85 5.68 14.02
CA GLN B 154 -11.90 6.61 13.41
C GLN B 154 -10.64 6.59 14.27
N THR B 155 -9.54 6.10 13.71
CA THR B 155 -8.33 5.88 14.47
C THR B 155 -7.32 7.02 14.37
N SER B 156 -7.46 7.90 13.38
CA SER B 156 -6.51 8.99 13.22
C SER B 156 -7.24 10.19 12.65
N HIS B 157 -6.84 11.39 13.07
CA HIS B 157 -7.44 12.61 12.56
C HIS B 157 -6.49 13.33 11.60
N HIS B 158 -5.20 13.41 11.96
CA HIS B 158 -4.19 13.97 11.06
C HIS B 158 -3.04 12.97 10.87
N PRO B 159 -3.03 12.25 9.74
CA PRO B 159 -4.02 12.28 8.64
C PRO B 159 -5.24 11.42 8.98
N PRO B 160 -6.37 11.63 8.27
CA PRO B 160 -7.57 10.89 8.65
C PRO B 160 -7.47 9.40 8.31
N GLU B 161 -8.00 8.57 9.19
CA GLU B 161 -8.09 7.13 8.94
C GLU B 161 -9.18 6.54 9.78
N CYS B 162 -9.97 5.63 9.21
CA CYS B 162 -10.82 4.78 10.05
C CYS B 162 -10.56 3.32 9.76
N ALA B 163 -10.91 2.48 10.71
CA ALA B 163 -10.71 1.05 10.57
C ALA B 163 -12.07 0.38 10.70
N TYR B 164 -12.26 -0.73 10.00
CA TYR B 164 -13.49 -1.50 10.15
C TYR B 164 -13.24 -2.98 10.21
N PHE B 165 -14.20 -3.69 10.83
CA PHE B 165 -14.15 -5.12 11.03
C PHE B 165 -15.56 -5.67 10.73
N TYR B 166 -15.64 -6.76 9.99
CA TYR B 166 -16.93 -7.30 9.59
C TYR B 166 -16.78 -8.80 9.56
N MET B 167 -17.73 -9.53 10.13
CA MET B 167 -17.58 -10.97 10.22
C MET B 167 -18.93 -11.69 10.18
N ILE B 168 -18.95 -12.83 9.52
CA ILE B 168 -20.10 -13.74 9.56
C ILE B 168 -19.58 -15.05 10.09
N PRO B 169 -19.50 -15.17 11.42
CA PRO B 169 -18.81 -16.34 11.99
C PRO B 169 -19.44 -17.67 11.58
N GLU B 170 -20.75 -17.71 11.45
CA GLU B 170 -21.41 -18.95 11.05
C GLU B 170 -21.08 -19.39 9.62
N SER B 171 -20.47 -18.51 8.83
CA SER B 171 -20.00 -18.91 7.49
C SER B 171 -18.49 -18.75 7.33
N SER B 172 -17.77 -18.68 8.45
CA SER B 172 -16.31 -18.58 8.44
C SER B 172 -15.79 -17.46 7.54
N ILE B 173 -16.49 -16.34 7.52
CA ILE B 173 -16.10 -15.20 6.69
C ILE B 173 -15.67 -14.03 7.54
N ARG B 174 -14.47 -13.52 7.31
CA ARG B 174 -13.97 -12.38 8.07
C ARG B 174 -13.39 -11.29 7.17
N VAL B 175 -13.72 -10.05 7.47
CA VAL B 175 -13.25 -8.90 6.70
C VAL B 175 -12.67 -7.83 7.62
N ASP B 176 -11.45 -7.37 7.32
CA ASP B 176 -10.85 -6.26 8.04
C ASP B 176 -10.40 -5.22 7.01
N GLY B 177 -10.50 -3.95 7.35
CA GLY B 177 -10.01 -2.92 6.43
C GLY B 177 -9.75 -1.57 7.07
N VAL B 178 -9.28 -0.61 6.25
CA VAL B 178 -9.11 0.77 6.68
C VAL B 178 -9.47 1.67 5.51
N VAL B 179 -9.99 2.85 5.80
CA VAL B 179 -10.11 3.91 4.80
C VAL B 179 -9.06 4.97 5.13
N ILE B 180 -8.26 5.35 4.13
CA ILE B 180 -7.23 6.39 4.30
C ILE B 180 -7.38 7.36 3.13
N PRO B 181 -8.22 8.38 3.30
CA PRO B 181 -8.52 9.33 2.22
C PRO B 181 -7.56 10.52 2.26
N LYS B 182 -6.92 10.81 1.15
CA LYS B 182 -6.03 11.96 1.04
C LYS B 182 -6.69 12.96 0.11
N SER B 183 -7.16 14.06 0.69
CA SER B 183 -7.92 15.05 -0.04
C SER B 183 -7.01 15.90 -0.92
N ARG B 184 -7.46 16.20 -2.13
CA ARG B 184 -6.62 16.94 -3.09
C ARG B 184 -7.46 17.89 -3.92
N PHE B 185 -6.95 19.10 -4.10
CA PHE B 185 -7.50 20.04 -5.05
C PHE B 185 -6.61 20.00 -6.29
N LEU B 186 -7.21 19.76 -7.45
CA LEU B 186 -6.44 19.58 -8.68
C LEU B 186 -6.72 20.64 -9.76
N GLY B 187 -7.52 21.66 -9.44
CA GLY B 187 -7.92 22.66 -10.44
C GLY B 187 -9.42 22.57 -10.74
N ASN B 188 -9.74 22.08 -11.94
CA ASN B 188 -11.14 21.81 -12.27
C ASN B 188 -11.66 20.56 -11.55
N SER B 189 -10.73 19.79 -10.99
CA SER B 189 -11.09 18.56 -10.27
C SER B 189 -10.60 18.61 -8.84
N SER B 190 -11.26 17.84 -7.97
CA SER B 190 -10.71 17.53 -6.65
C SER B 190 -10.86 16.04 -6.45
N ALA B 191 -10.24 15.50 -5.42
CA ALA B 191 -10.31 14.07 -5.20
C ALA B 191 -10.10 13.70 -3.75
N ALA B 192 -10.64 12.55 -3.39
CA ALA B 192 -10.16 11.82 -2.24
C ALA B 192 -9.33 10.71 -2.83
N MET B 193 -8.02 10.80 -2.69
CA MET B 193 -7.14 9.69 -3.09
C MET B 193 -7.27 8.63 -2.01
N MET B 194 -7.67 7.42 -2.40
CA MET B 194 -8.03 6.39 -1.45
C MET B 194 -6.90 5.39 -1.29
N ASP B 195 -6.17 5.48 -0.18
CA ASP B 195 -5.06 4.58 0.03
C ASP B 195 -5.37 3.44 1.00
N GLY B 196 -6.63 3.31 1.38
CA GLY B 196 -6.99 2.24 2.31
C GLY B 196 -7.12 0.92 1.57
N SER B 197 -7.31 -0.17 2.31
CA SER B 197 -7.55 -1.48 1.68
C SER B 197 -8.36 -2.38 2.58
N THR B 198 -8.74 -3.53 2.05
CA THR B 198 -9.54 -4.51 2.74
C THR B 198 -8.92 -5.89 2.60
N VAL B 199 -8.96 -6.65 3.69
CA VAL B 199 -8.51 -8.03 3.68
C VAL B 199 -9.71 -8.93 3.96
N LEU B 200 -9.98 -9.85 3.05
CA LEU B 200 -11.05 -10.83 3.23
C LEU B 200 -10.41 -12.17 3.50
N GLN B 201 -10.95 -12.90 4.47
CA GLN B 201 -10.46 -14.26 4.74
C GLN B 201 -11.59 -15.27 4.85
N PHE B 202 -11.41 -16.42 4.20
CA PHE B 202 -12.29 -17.55 4.41
C PHE B 202 -11.61 -18.46 5.42
N LEU B 203 -12.02 -18.38 6.67
CA LEU B 203 -11.34 -19.07 7.77
C LEU B 203 -11.28 -20.59 7.63
N ASP B 204 -12.29 -21.20 7.02
CA ASP B 204 -12.33 -22.66 6.85
C ASP B 204 -11.83 -23.14 5.47
N ILE B 205 -11.24 -22.24 4.69
CA ILE B 205 -10.60 -22.64 3.44
C ILE B 205 -9.10 -22.39 3.55
N LYS B 206 -8.34 -23.44 3.78
CA LYS B 206 -6.92 -23.30 4.01
C LYS B 206 -6.12 -23.24 2.71
N ASP B 207 -5.16 -22.31 2.65
CA ASP B 207 -4.28 -22.20 1.50
C ASP B 207 -3.06 -23.11 1.69
N GLY B 208 -2.06 -22.93 0.84
CA GLY B 208 -0.87 -23.78 0.87
C GLY B 208 -0.13 -23.78 2.19
N ASN B 209 -0.36 -22.75 3.02
CA ASN B 209 0.33 -22.62 4.31
C ASN B 209 -0.47 -23.21 5.47
N GLY B 210 -1.70 -23.62 5.20
CA GLY B 210 -2.60 -24.04 6.26
C GLY B 210 -3.24 -22.84 6.94
N LYS B 211 -3.11 -21.69 6.28
CA LYS B 211 -3.74 -20.46 6.75
C LYS B 211 -5.02 -20.19 5.97
N PRO B 212 -5.91 -19.34 6.49
CA PRO B 212 -7.15 -19.05 5.78
C PRO B 212 -6.89 -18.39 4.42
N GLU B 213 -7.67 -18.75 3.42
CA GLU B 213 -7.58 -18.14 2.09
C GLU B 213 -7.80 -16.64 2.18
N LYS B 214 -6.84 -15.87 1.68
CA LYS B 214 -6.87 -14.43 1.90
C LYS B 214 -6.94 -13.63 0.61
N TYR B 215 -7.82 -12.63 0.59
CA TYR B 215 -7.91 -11.68 -0.52
C TYR B 215 -7.54 -10.30 -0.02
N VAL B 216 -6.71 -9.59 -0.78
CA VAL B 216 -6.46 -8.18 -0.52
C VAL B 216 -7.11 -7.35 -1.63
N LEU B 217 -7.90 -6.35 -1.24
CA LEU B 217 -8.64 -5.55 -2.22
C LEU B 217 -8.42 -4.06 -1.98
N THR B 218 -7.98 -3.34 -3.02
CA THR B 218 -7.70 -1.92 -2.82
C THR B 218 -8.86 -1.08 -3.33
N GLN B 219 -8.72 0.24 -3.28
CA GLN B 219 -9.84 1.16 -3.54
C GLN B 219 -9.48 2.14 -4.64
N PRO B 220 -10.42 2.40 -5.56
CA PRO B 220 -10.08 3.37 -6.59
C PRO B 220 -10.21 4.75 -5.96
N ASN B 221 -9.74 5.76 -6.65
CA ASN B 221 -9.82 7.12 -6.14
C ASN B 221 -11.16 7.74 -6.49
N VAL B 222 -11.64 8.64 -5.65
CA VAL B 222 -12.92 9.27 -5.89
C VAL B 222 -12.72 10.72 -6.31
N TYR B 223 -13.11 11.03 -7.54
CA TYR B 223 -12.93 12.37 -8.08
C TYR B 223 -14.21 13.16 -8.14
N VAL B 224 -14.11 14.49 -8.04
CA VAL B 224 -15.23 15.34 -8.41
C VAL B 224 -14.74 16.27 -9.51
N ARG B 225 -15.45 16.28 -10.63
CA ARG B 225 -15.07 17.10 -11.78
C ARG B 225 -16.10 18.19 -12.00
N GLY B 226 -15.70 19.22 -12.73
CA GLY B 226 -16.60 20.31 -13.06
C GLY B 226 -16.79 21.29 -11.92
N ILE B 227 -15.81 21.39 -11.01
CA ILE B 227 -15.93 22.33 -9.90
C ILE B 227 -15.82 23.78 -10.36
N LEU B 228 -15.25 23.98 -11.55
CA LEU B 228 -15.14 25.30 -12.17
C LEU B 228 -16.22 25.52 -13.22
N PHE B 229 -16.15 24.72 -14.29
CA PHE B 229 -17.02 24.90 -15.45
C PHE B 229 -18.22 23.98 -15.40
N GLY B 230 -19.39 24.54 -15.10
CA GLY B 230 -20.63 23.79 -15.16
C GLY B 230 -20.94 22.97 -13.93
N LYS B 231 -21.54 21.80 -14.15
CA LYS B 231 -22.03 20.98 -13.06
C LYS B 231 -21.01 19.96 -12.56
N MET B 232 -20.97 19.80 -11.24
CA MET B 232 -20.05 18.85 -10.65
C MET B 232 -20.54 17.45 -10.94
N ARG B 233 -19.60 16.51 -11.04
CA ARG B 233 -19.97 15.12 -11.20
C ARG B 233 -18.90 14.26 -10.54
N ILE B 234 -19.33 13.28 -9.76
CA ILE B 234 -18.39 12.35 -9.16
C ILE B 234 -18.01 11.27 -10.15
N GLU B 235 -16.71 10.96 -10.22
CA GLU B 235 -16.25 9.81 -10.99
C GLU B 235 -15.31 8.97 -10.15
N LEU B 236 -15.38 7.66 -10.28
CA LEU B 236 -14.34 6.81 -9.71
C LEU B 236 -13.27 6.78 -10.78
N GLY B 237 -12.02 6.61 -10.36
CA GLY B 237 -10.92 7.07 -11.17
C GLY B 237 -9.81 6.21 -11.71
N ASP B 238 -9.03 5.55 -10.88
CA ASP B 238 -7.79 4.98 -11.40
C ASP B 238 -7.79 3.43 -11.43
N HIS B 239 -6.90 2.82 -10.63
CA HIS B 239 -6.80 1.34 -10.55
C HIS B 239 -7.20 0.75 -9.20
N MET B 240 -7.93 -0.35 -9.27
CA MET B 240 -8.32 -1.17 -8.12
C MET B 240 -7.65 -2.52 -8.32
N ILE B 241 -7.12 -3.08 -7.25
CA ILE B 241 -6.44 -4.37 -7.34
C ILE B 241 -7.13 -5.38 -6.44
N ILE B 242 -7.34 -6.59 -6.94
CA ILE B 242 -7.82 -7.68 -6.08
C ILE B 242 -6.84 -8.85 -6.18
N LYS B 243 -6.29 -9.28 -5.05
CA LYS B 243 -5.28 -10.34 -5.07
C LYS B 243 -5.66 -11.49 -4.19
N SER B 244 -5.50 -12.71 -4.70
CA SER B 244 -5.71 -13.91 -3.89
C SER B 244 -4.46 -14.76 -3.98
N PRO B 245 -4.41 -15.91 -3.29
CA PRO B 245 -3.22 -16.74 -3.40
C PRO B 245 -2.98 -17.27 -4.82
N ASN B 246 -4.03 -17.47 -5.59
CA ASN B 246 -3.89 -18.07 -6.93
C ASN B 246 -4.25 -17.17 -8.12
N PHE B 247 -5.07 -16.17 -7.89
CA PHE B 247 -5.48 -15.27 -8.96
C PHE B 247 -5.39 -13.81 -8.54
N GLN B 248 -5.40 -12.92 -9.52
CA GLN B 248 -5.39 -11.49 -9.24
C GLN B 248 -6.10 -10.76 -10.36
N ALA B 249 -6.58 -9.56 -10.07
CA ALA B 249 -7.22 -8.76 -11.08
C ALA B 249 -6.82 -7.31 -10.87
N ASP B 250 -6.53 -6.65 -11.96
CA ASP B 250 -6.26 -5.23 -11.94
C ASP B 250 -7.40 -4.57 -12.69
N ILE B 251 -8.15 -3.71 -12.01
CA ILE B 251 -9.32 -3.11 -12.62
C ILE B 251 -9.16 -1.62 -12.75
N GLU B 252 -9.17 -1.12 -13.98
CA GLU B 252 -9.10 0.33 -14.17
C GLU B 252 -10.48 0.94 -14.22
N PHE B 253 -10.69 1.93 -13.37
CA PHE B 253 -11.92 2.72 -13.41
C PHE B 253 -11.63 3.88 -14.34
N LYS B 254 -12.19 3.81 -15.55
CA LYS B 254 -11.85 4.75 -16.62
C LYS B 254 -12.45 6.13 -16.37
N THR B 255 -11.63 7.14 -16.64
CA THR B 255 -12.06 8.52 -16.61
C THR B 255 -12.65 8.87 -17.97
N LYS B 256 -13.77 9.60 -17.97
CA LYS B 256 -14.38 9.97 -19.24
C LYS B 256 -13.43 10.84 -20.02
N GLY B 257 -13.13 10.41 -21.22
CA GLY B 257 -12.28 11.22 -22.05
C GLY B 257 -12.94 12.55 -22.31
N TYR B 258 -12.22 13.30 -23.12
CA TYR B 258 -12.80 13.96 -24.27
C TYR B 258 -13.08 12.95 -25.41
N VAL B 259 -12.12 12.09 -25.78
CA VAL B 259 -12.32 11.31 -27.03
C VAL B 259 -13.36 10.17 -27.09
N PHE B 260 -14.62 10.60 -27.27
CA PHE B 260 -15.86 9.78 -27.38
C PHE B 260 -16.40 9.18 -26.09
N GLY B 261 -15.69 9.45 -25.00
CA GLY B 261 -16.38 9.91 -23.83
C GLY B 261 -17.54 9.10 -23.33
N THR B 262 -17.23 8.31 -22.32
CA THR B 262 -18.28 7.79 -21.49
C THR B 262 -17.85 7.72 -20.03
N TYR B 263 -18.82 7.93 -19.16
CA TYR B 263 -18.61 7.96 -17.73
C TYR B 263 -18.76 6.57 -17.15
N ASP B 264 -18.01 6.32 -16.09
CA ASP B 264 -18.27 5.17 -15.21
C ASP B 264 -17.89 3.79 -15.73
N ALA B 265 -17.12 3.72 -16.82
CA ALA B 265 -16.68 2.42 -17.35
C ALA B 265 -15.53 1.83 -16.54
N ILE B 266 -15.46 0.50 -16.53
CA ILE B 266 -14.30 -0.21 -15.98
C ILE B 266 -13.73 -1.17 -17.02
N GLU B 267 -12.44 -1.43 -16.91
CA GLU B 267 -11.80 -2.39 -17.79
C GLU B 267 -10.80 -3.12 -16.93
N GLY B 268 -10.77 -4.44 -17.02
CA GLY B 268 -9.82 -5.17 -16.21
C GLY B 268 -9.67 -6.62 -16.64
N THR B 269 -8.59 -7.24 -16.18
CA THR B 269 -8.30 -8.61 -16.53
C THR B 269 -8.07 -9.46 -15.27
N VAL B 270 -8.63 -10.67 -15.29
CA VAL B 270 -8.39 -11.65 -14.23
C VAL B 270 -7.34 -12.61 -14.72
N LYS B 271 -6.23 -12.69 -14.00
CA LYS B 271 -5.09 -13.49 -14.41
C LYS B 271 -4.62 -14.36 -13.26
N ASP B 272 -3.74 -15.31 -13.56
CA ASP B 272 -3.00 -15.98 -12.50
C ASP B 272 -1.65 -15.29 -12.34
N TYR B 273 -0.71 -15.94 -11.68
CA TYR B 273 0.56 -15.28 -11.43
C TYR B 273 1.64 -15.74 -12.41
N ASP B 274 1.21 -16.45 -13.44
CA ASP B 274 2.09 -16.82 -14.55
C ASP B 274 1.77 -16.03 -15.80
N GLY B 275 0.96 -14.98 -15.68
CA GLY B 275 0.65 -14.13 -16.80
C GLY B 275 -0.51 -14.62 -17.67
N ASN B 276 -1.15 -15.71 -17.28
CA ASN B 276 -2.30 -16.23 -18.02
C ASN B 276 -3.56 -15.44 -17.73
N ALA B 277 -4.23 -15.00 -18.78
CA ALA B 277 -5.44 -14.20 -18.62
C ALA B 277 -6.64 -15.09 -18.84
N TYR B 278 -7.61 -15.01 -17.94
CA TYR B 278 -8.79 -15.88 -17.98
C TYR B 278 -10.04 -15.13 -18.39
N TYR B 279 -10.23 -13.95 -17.83
CA TYR B 279 -11.44 -13.18 -18.07
C TYR B 279 -11.10 -11.70 -18.23
N GLU B 280 -11.91 -11.02 -19.02
CA GLU B 280 -11.82 -9.57 -19.12
C GLU B 280 -13.13 -9.01 -18.58
N ILE B 281 -13.04 -8.05 -17.67
CA ILE B 281 -14.26 -7.43 -17.17
C ILE B 281 -14.41 -6.06 -17.85
N SER B 282 -15.66 -5.69 -18.13
CA SER B 282 -15.98 -4.44 -18.81
C SER B 282 -17.38 -4.02 -18.37
N GLY B 283 -17.90 -2.94 -18.94
CA GLY B 283 -19.20 -2.42 -18.53
C GLY B 283 -19.02 -1.23 -17.60
N LYS B 284 -20.05 -0.93 -16.81
CA LYS B 284 -20.01 0.24 -15.93
C LYS B 284 -20.35 -0.13 -14.48
N TRP B 285 -19.61 0.45 -13.54
CA TRP B 285 -19.75 0.07 -12.13
C TRP B 285 -21.12 0.45 -11.57
N ASN B 286 -21.84 1.34 -12.26
CA ASN B 286 -23.17 1.75 -11.81
C ASN B 286 -24.29 1.38 -12.81
N ASP B 287 -24.02 0.41 -13.68
CA ASP B 287 -25.03 -0.07 -14.60
C ASP B 287 -24.85 -1.57 -14.74
N VAL B 288 -24.36 -2.02 -15.88
CA VAL B 288 -24.12 -3.44 -16.05
C VAL B 288 -22.64 -3.73 -16.31
N MET B 289 -22.09 -4.72 -15.61
CA MET B 289 -20.73 -5.17 -15.89
C MET B 289 -20.76 -6.57 -16.53
N TYR B 290 -19.77 -6.85 -17.36
CA TYR B 290 -19.73 -8.05 -18.17
C TYR B 290 -18.39 -8.77 -18.01
N LEU B 291 -18.40 -10.10 -18.15
CA LEU B 291 -17.17 -10.87 -18.20
C LEU B 291 -17.07 -11.64 -19.50
N LYS B 292 -15.90 -11.55 -20.13
CA LYS B 292 -15.61 -12.27 -21.36
C LYS B 292 -14.61 -13.39 -21.07
N ASP B 293 -14.99 -14.61 -21.45
CA ASP B 293 -14.09 -15.76 -21.30
C ASP B 293 -12.99 -15.69 -22.35
N LEU B 294 -11.80 -15.27 -21.92
CA LEU B 294 -10.67 -15.08 -22.82
C LEU B 294 -10.21 -16.41 -23.44
N LYS B 295 -10.59 -17.51 -22.81
CA LYS B 295 -10.25 -18.84 -23.32
C LYS B 295 -11.10 -19.20 -24.55
N GLN B 296 -12.25 -18.53 -24.66
CA GLN B 296 -13.15 -18.72 -25.80
C GLN B 296 -13.44 -17.39 -26.49
N PRO B 297 -12.46 -16.87 -27.25
CA PRO B 297 -12.48 -15.53 -27.85
C PRO B 297 -13.54 -15.35 -28.93
N ARG B 298 -14.30 -16.40 -29.25
CA ARG B 298 -15.41 -16.28 -30.17
C ARG B 298 -16.64 -15.77 -29.42
N SER B 299 -16.68 -16.05 -28.13
CA SER B 299 -17.83 -15.70 -27.29
C SER B 299 -17.93 -14.21 -27.02
N SER B 300 -19.13 -13.75 -26.72
CA SER B 300 -19.35 -12.36 -26.40
C SER B 300 -19.32 -12.17 -24.88
N PRO B 301 -18.98 -10.95 -24.43
CA PRO B 301 -19.02 -10.71 -22.99
C PRO B 301 -20.41 -11.07 -22.44
N LYS B 302 -20.44 -11.72 -21.29
CA LYS B 302 -21.70 -12.16 -20.71
C LYS B 302 -21.98 -11.33 -19.45
N VAL B 303 -23.26 -11.13 -19.15
CA VAL B 303 -23.65 -10.35 -18.00
C VAL B 303 -23.03 -10.93 -16.74
N PHE B 304 -22.35 -10.08 -15.99
CA PHE B 304 -21.62 -10.50 -14.79
C PHE B 304 -22.30 -9.90 -13.54
N LEU B 305 -22.58 -8.61 -13.59
CA LEU B 305 -23.28 -7.98 -12.49
C LEU B 305 -24.16 -6.88 -13.05
N ASP B 306 -25.46 -7.06 -12.92
CA ASP B 306 -26.41 -6.02 -13.35
C ASP B 306 -26.95 -5.33 -12.11
N THR B 307 -26.44 -4.13 -11.85
CA THR B 307 -26.74 -3.42 -10.60
C THR B 307 -28.22 -3.03 -10.48
N HIS B 308 -28.93 -3.04 -11.60
CA HIS B 308 -30.35 -2.72 -11.56
C HIS B 308 -31.20 -3.91 -11.15
N LYS B 309 -30.64 -5.12 -11.24
CA LYS B 309 -31.43 -6.31 -10.94
C LYS B 309 -31.17 -6.85 -9.52
N GLU B 310 -30.10 -6.39 -8.90
CA GLU B 310 -29.72 -6.89 -7.58
C GLU B 310 -30.31 -5.98 -6.50
N SER B 311 -30.83 -6.58 -5.44
CA SER B 311 -31.44 -5.82 -4.35
C SER B 311 -30.49 -5.78 -3.14
N PRO B 312 -30.16 -4.58 -2.67
CA PRO B 312 -29.24 -4.41 -1.54
C PRO B 312 -29.89 -4.75 -0.21
N LEU B 313 -29.10 -5.24 0.73
CA LEU B 313 -29.58 -5.49 2.08
C LEU B 313 -28.93 -4.46 3.01
N ARG B 314 -29.72 -3.54 3.53
CA ARG B 314 -29.20 -2.46 4.38
C ARG B 314 -28.87 -2.94 5.79
N PRO B 315 -27.87 -2.32 6.41
CA PRO B 315 -27.52 -2.67 7.80
C PRO B 315 -28.61 -2.28 8.79
N LYS B 316 -28.66 -2.98 9.91
CA LYS B 316 -29.48 -2.57 11.03
C LYS B 316 -28.60 -1.96 12.11
N VAL B 317 -29.15 -1.03 12.89
CA VAL B 317 -28.42 -0.34 13.96
C VAL B 317 -29.29 -0.27 15.21
N ARG B 318 -28.68 -0.46 16.37
CA ARG B 318 -29.34 -0.26 17.67
C ARG B 318 -30.12 1.05 17.74
N PRO B 319 -31.20 1.09 18.53
CA PRO B 319 -31.94 2.36 18.63
C PRO B 319 -31.05 3.48 19.13
N LEU B 320 -31.33 4.71 18.72
CA LEU B 320 -30.56 5.89 19.15
C LEU B 320 -30.46 5.99 20.67
N SER B 321 -31.54 5.59 21.35
CA SER B 321 -31.60 5.72 22.81
C SER B 321 -30.55 4.84 23.50
N GLU B 322 -30.03 3.87 22.77
CA GLU B 322 -29.02 2.95 23.32
C GLU B 322 -27.60 3.29 22.88
N GLN B 323 -27.45 4.27 21.99
CA GLN B 323 -26.16 4.63 21.40
C GLN B 323 -25.30 5.56 22.28
N GLY B 324 -23.99 5.54 22.07
CA GLY B 324 -23.07 6.32 22.88
C GLY B 324 -22.92 7.76 22.41
N GLU B 325 -22.24 8.57 23.22
CA GLU B 325 -22.07 10.00 22.90
C GLU B 325 -21.31 10.22 21.59
N TYR B 326 -20.31 9.39 21.34
CA TYR B 326 -19.50 9.53 20.13
C TYR B 326 -19.80 8.43 19.09
N GLU B 327 -20.99 7.84 19.20
CA GLU B 327 -21.41 6.85 18.22
C GLU B 327 -22.03 7.61 17.04
N SER B 328 -21.62 7.27 15.81
CA SER B 328 -21.91 8.07 14.61
C SER B 328 -23.30 8.71 14.50
N ARG B 329 -24.36 7.91 14.41
CA ARG B 329 -25.68 8.50 14.18
C ARG B 329 -26.11 9.41 15.31
N LYS B 330 -25.75 9.05 16.54
CA LYS B 330 -26.13 9.84 17.69
C LYS B 330 -25.29 11.13 17.75
N LEU B 331 -23.98 10.99 17.60
CA LEU B 331 -23.09 12.16 17.61
C LEU B 331 -23.53 13.19 16.58
N TRP B 332 -23.80 12.75 15.36
CA TRP B 332 -24.09 13.66 14.27
C TRP B 332 -25.58 14.02 14.12
N LYS B 333 -26.39 13.54 15.07
CA LYS B 333 -27.85 13.63 14.93
C LYS B 333 -28.34 15.05 14.66
N LYS B 334 -27.84 16.03 15.43
CA LYS B 334 -28.30 17.39 15.20
C LYS B 334 -27.86 17.93 13.86
N VAL B 335 -26.66 17.55 13.42
CA VAL B 335 -26.20 17.96 12.10
C VAL B 335 -27.08 17.36 11.00
N THR B 336 -27.32 16.05 11.08
CA THR B 336 -28.08 15.35 10.03
C THR B 336 -29.56 15.74 9.99
N ASP B 337 -30.14 16.05 11.16
CA ASP B 337 -31.50 16.58 11.19
C ASP B 337 -31.55 17.91 10.43
N ALA B 338 -30.54 18.75 10.61
CA ALA B 338 -30.52 20.05 9.95
C ALA B 338 -30.31 19.88 8.44
N LEU B 339 -29.42 18.95 8.08
CA LEU B 339 -29.20 18.61 6.68
C LEU B 339 -30.48 18.12 5.98
N ALA B 340 -31.26 17.27 6.67
CA ALA B 340 -32.47 16.71 6.09
C ALA B 340 -33.50 17.79 5.72
N VAL B 341 -33.52 18.91 6.45
CA VAL B 341 -34.43 20.01 6.14
C VAL B 341 -33.72 21.17 5.45
N ARG B 342 -32.48 20.94 5.05
CA ARG B 342 -31.69 21.94 4.31
C ARG B 342 -31.53 23.24 5.08
N ASN B 343 -31.35 23.13 6.38
CA ASN B 343 -31.09 24.29 7.22
C ASN B 343 -29.59 24.37 7.50
N HIS B 344 -28.86 24.99 6.59
CA HIS B 344 -27.41 24.95 6.66
C HIS B 344 -26.76 25.85 7.72
N PRO B 345 -27.40 26.98 8.06
CA PRO B 345 -26.86 27.71 9.21
C PRO B 345 -26.87 26.85 10.48
N VAL B 346 -27.93 26.07 10.68
CA VAL B 346 -27.97 25.18 11.85
C VAL B 346 -26.98 24.02 11.71
N ALA B 347 -26.97 23.37 10.54
CA ALA B 347 -26.04 22.26 10.31
C ALA B 347 -24.61 22.73 10.54
N THR B 348 -24.28 23.91 10.04
CA THR B 348 -22.91 24.45 10.17
C THR B 348 -22.57 24.71 11.63
N GLU B 349 -23.50 25.31 12.36
CA GLU B 349 -23.28 25.60 13.77
C GLU B 349 -23.10 24.31 14.58
N GLU B 350 -23.97 23.33 14.33
CA GLU B 350 -23.91 22.07 15.06
C GLU B 350 -22.62 21.32 14.74
N LYS B 351 -22.21 21.33 13.48
CA LYS B 351 -20.96 20.69 13.07
C LYS B 351 -19.76 21.40 13.71
N PHE B 352 -19.80 22.72 13.75
CA PHE B 352 -18.70 23.48 14.40
C PHE B 352 -18.51 23.14 15.89
N GLN B 353 -19.61 23.07 16.63
CA GLN B 353 -19.52 22.73 18.06
C GLN B 353 -18.83 21.37 18.26
N ILE B 354 -19.24 20.38 17.47
CA ILE B 354 -18.62 19.06 17.52
C ILE B 354 -17.13 19.13 17.17
N GLU B 355 -16.81 19.77 16.05
CA GLU B 355 -15.43 19.75 15.59
C GLU B 355 -14.54 20.64 16.45
N ASP B 356 -15.08 21.75 16.96
CA ASP B 356 -14.26 22.62 17.80
C ASP B 356 -14.02 21.97 19.15
N HIS B 357 -15.02 21.23 19.64
CA HIS B 357 -14.80 20.41 20.82
C HIS B 357 -13.65 19.44 20.64
N GLN B 358 -13.57 18.79 19.48
CA GLN B 358 -12.45 17.91 19.17
C GLN B 358 -11.10 18.65 19.19
N ARG B 359 -11.09 19.86 18.66
CA ARG B 359 -9.86 20.65 18.60
C ARG B 359 -9.35 20.86 20.01
N GLN B 360 -10.27 21.17 20.92
CA GLN B 360 -9.94 21.43 22.31
C GLN B 360 -9.42 20.17 23.01
N LEU B 361 -10.00 19.02 22.68
CA LEU B 361 -9.50 17.76 23.21
C LEU B 361 -8.08 17.50 22.72
N ALA B 362 -7.82 17.81 21.44
CA ALA B 362 -6.51 17.54 20.86
C ALA B 362 -5.45 18.41 21.52
N LYS B 363 -5.85 19.61 21.91
CA LYS B 363 -4.91 20.55 22.52
C LYS B 363 -4.52 20.08 23.90
N LYS B 364 -5.52 19.73 24.72
CA LYS B 364 -5.25 19.12 25.99
C LYS B 364 -4.27 17.95 25.86
N ARG B 365 -4.53 17.02 24.95
CA ARG B 365 -3.62 15.89 24.76
C ARG B 365 -2.18 16.35 24.63
N ILE B 366 -1.95 17.30 23.71
CA ILE B 366 -0.60 17.82 23.48
C ILE B 366 -0.05 18.44 24.76
N GLU B 367 -0.89 19.24 25.42
CA GLU B 367 -0.53 19.82 26.70
C GLU B 367 -0.07 18.76 27.69
N ASP B 368 -0.75 17.61 27.70
CA ASP B 368 -0.48 16.58 28.71
C ASP B 368 0.56 15.56 28.23
N GLY B 369 1.22 15.86 27.12
CA GLY B 369 2.22 14.96 26.56
C GLY B 369 1.66 13.61 26.11
N VAL B 370 0.33 13.52 26.01
CA VAL B 370 -0.31 12.26 25.62
C VAL B 370 -0.80 12.25 24.18
N GLU B 371 -1.04 11.04 23.67
CA GLU B 371 -1.59 10.85 22.35
C GLU B 371 -2.92 10.12 22.44
N PHE B 372 -3.73 10.23 21.40
CA PHE B 372 -4.97 9.50 21.32
C PHE B 372 -4.67 8.02 21.12
N HIS B 373 -5.46 7.15 21.75
CA HIS B 373 -5.36 5.72 21.51
C HIS B 373 -6.75 5.16 21.24
N PRO B 374 -6.92 4.50 20.08
CA PRO B 374 -8.24 3.95 19.72
C PRO B 374 -8.77 2.99 20.78
N LYS B 375 -10.09 2.92 20.90
CA LYS B 375 -10.72 1.99 21.85
C LYS B 375 -10.80 0.55 21.34
N LEU B 376 -11.01 0.41 20.03
CA LEU B 376 -11.48 -0.86 19.48
C LEU B 376 -10.46 -1.56 18.59
N PHE B 377 -9.47 -0.82 18.12
CA PHE B 377 -8.51 -1.33 17.15
C PHE B 377 -7.07 -1.21 17.65
N ARG B 378 -6.29 -2.26 17.47
CA ARG B 378 -4.87 -2.23 17.86
C ARG B 378 -4.00 -1.97 16.66
N ARG B 379 -2.89 -1.28 16.89
CA ARG B 379 -1.93 -0.94 15.85
C ARG B 379 -1.27 -2.21 15.35
N SER B 380 -1.18 -2.39 14.03
CA SER B 380 -0.53 -3.58 13.48
C SER B 380 1.00 -3.48 13.53
N LYS B 381 1.67 -4.62 13.47
CA LYS B 381 3.13 -4.65 13.41
C LYS B 381 3.58 -4.31 11.99
N PRO B 382 4.84 -3.90 11.81
CA PRO B 382 5.28 -3.52 10.47
C PRO B 382 5.18 -4.68 9.47
N GLY B 383 4.87 -4.35 8.22
CA GLY B 383 4.88 -5.34 7.15
C GLY B 383 3.57 -6.08 7.01
N GLU B 384 2.62 -5.77 7.89
CA GLU B 384 1.28 -6.35 7.85
C GLU B 384 0.38 -5.62 6.87
N ASP B 385 -0.77 -6.21 6.59
CA ASP B 385 -1.62 -5.69 5.53
C ASP B 385 -2.27 -4.35 5.86
N LEU B 386 -2.67 -4.18 7.11
CA LEU B 386 -3.47 -3.01 7.50
C LEU B 386 -2.82 -2.27 8.67
N ASP B 387 -3.00 -0.96 8.74
CA ASP B 387 -2.54 -0.18 9.88
C ASP B 387 -3.12 -0.63 11.20
N TYR B 388 -4.39 -1.07 11.16
CA TYR B 388 -5.14 -1.41 12.38
C TYR B 388 -5.97 -2.65 12.16
N CYS B 389 -6.16 -3.41 13.24
CA CYS B 389 -7.08 -4.56 13.27
C CYS B 389 -7.84 -4.54 14.58
N ILE B 390 -9.06 -5.09 14.58
CA ILE B 390 -9.86 -5.17 15.80
C ILE B 390 -8.99 -5.81 16.90
N TYR B 391 -9.06 -5.29 18.13
CA TYR B 391 -8.11 -5.69 19.17
C TYR B 391 -8.33 -7.10 19.68
N LYS B 392 -9.57 -7.55 19.64
CA LYS B 392 -10.00 -8.80 20.25
C LYS B 392 -9.45 -9.99 19.48
N ASN B 393 -8.82 -10.93 20.19
CA ASN B 393 -8.38 -12.17 19.57
C ASN B 393 -9.56 -13.08 19.27
N ILE B 394 -9.73 -13.44 18.01
CA ILE B 394 -10.82 -14.34 17.58
C ILE B 394 -10.19 -15.52 16.83
N PRO B 395 -9.87 -16.59 17.55
CA PRO B 395 -9.14 -17.73 16.97
C PRO B 395 -9.81 -18.24 15.70
N VAL B 396 -9.00 -18.54 14.69
CA VAL B 396 -9.51 -18.91 13.38
C VAL B 396 -10.47 -20.11 13.46
N ASP B 397 -10.15 -21.08 14.30
CA ASP B 397 -10.91 -22.34 14.35
C ASP B 397 -11.82 -22.46 15.57
N GLU B 398 -12.17 -21.34 16.17
CA GLU B 398 -13.06 -21.31 17.32
C GLU B 398 -14.49 -21.64 16.89
N ASP B 399 -15.25 -22.29 17.77
CA ASP B 399 -16.69 -22.46 17.57
C ASP B 399 -17.34 -21.11 17.24
N PRO B 400 -18.15 -21.06 16.15
CA PRO B 400 -18.82 -19.81 15.75
C PRO B 400 -19.62 -19.15 16.87
N GLU B 401 -20.34 -19.92 17.66
CA GLU B 401 -21.06 -19.32 18.79
C GLU B 401 -20.13 -18.58 19.75
N LYS B 402 -18.93 -19.13 19.99
CA LYS B 402 -17.96 -18.47 20.86
C LYS B 402 -17.37 -17.23 20.20
N GLN B 403 -17.22 -17.27 18.87
CA GLN B 403 -16.73 -16.11 18.15
C GLN B 403 -17.74 -14.97 18.26
N ILE B 404 -19.02 -15.32 18.19
CA ILE B 404 -20.06 -14.30 18.27
C ILE B 404 -20.08 -13.66 19.67
N ARG B 405 -19.91 -14.46 20.72
CA ARG B 405 -19.86 -13.89 22.08
C ARG B 405 -18.68 -12.94 22.26
N SER B 406 -17.51 -13.28 21.71
CA SER B 406 -16.38 -12.36 21.80
C SER B 406 -16.70 -11.08 21.03
N ILE B 407 -17.19 -11.19 19.80
CA ILE B 407 -17.51 -10.01 19.01
C ILE B 407 -18.45 -9.06 19.76
N LEU B 408 -19.49 -9.62 20.37
CA LEU B 408 -20.54 -8.82 20.99
C LEU B 408 -20.02 -8.12 22.25
N GLN B 409 -18.89 -8.57 22.75
CA GLN B 409 -18.29 -7.95 23.93
C GLN B 409 -17.22 -6.94 23.57
N ILE B 410 -16.97 -6.76 22.28
CA ILE B 410 -16.06 -5.71 21.81
C ILE B 410 -16.72 -4.33 21.90
N ALA B 411 -17.96 -4.27 21.40
CA ALA B 411 -18.76 -3.06 21.42
C ALA B 411 -20.22 -3.50 21.29
N PRO B 412 -21.17 -2.66 21.72
CA PRO B 412 -22.58 -3.05 21.57
C PRO B 412 -22.99 -3.00 20.11
N ILE B 413 -23.57 -4.08 19.61
CA ILE B 413 -24.03 -4.15 18.23
C ILE B 413 -25.55 -4.39 18.14
N LEU B 414 -26.04 -5.30 18.96
CA LEU B 414 -27.46 -5.69 18.84
C LEU B 414 -28.35 -4.94 19.83
N PRO B 415 -29.64 -4.85 19.50
CA PRO B 415 -30.59 -4.15 20.38
C PRO B 415 -30.53 -4.71 21.80
N GLY B 416 -30.45 -3.82 22.78
CA GLY B 416 -30.49 -4.24 24.18
C GLY B 416 -29.14 -4.57 24.80
N GLN B 417 -28.06 -4.44 24.04
CA GLN B 417 -26.74 -4.66 24.63
C GLN B 417 -26.31 -3.50 25.51
N GLN B 418 -25.45 -3.79 26.48
CA GLN B 418 -24.84 -2.73 27.26
C GLN B 418 -23.38 -2.59 26.84
N PHE B 419 -22.80 -1.41 27.09
CA PHE B 419 -21.35 -1.27 26.94
C PHE B 419 -20.67 -2.14 28.00
N THR B 420 -19.62 -2.86 27.60
CA THR B 420 -18.81 -3.59 28.58
C THR B 420 -18.01 -2.61 29.44
N ASP B 421 -17.50 -3.10 30.57
CA ASP B 421 -16.75 -2.27 31.49
C ASP B 421 -15.47 -1.70 30.85
N LYS B 422 -14.93 -2.41 29.88
CA LYS B 422 -13.65 -2.05 29.27
C LYS B 422 -13.81 -1.45 27.87
N PHE B 423 -15.04 -1.21 27.45
CA PHE B 423 -15.25 -0.53 26.18
C PHE B 423 -14.38 0.72 26.05
N PHE B 424 -14.29 1.53 27.11
CA PHE B 424 -13.59 2.82 26.97
C PHE B 424 -12.09 2.80 27.35
N ILE B 425 -11.60 1.64 27.76
CA ILE B 425 -10.16 1.39 27.93
C ILE B 425 -9.53 1.29 26.54
N PRO B 426 -8.38 1.94 26.33
CA PRO B 426 -7.72 1.85 25.01
C PRO B 426 -7.43 0.43 24.62
N ALA B 427 -7.52 0.12 23.32
CA ALA B 427 -7.18 -1.20 22.81
C ALA B 427 -5.78 -1.66 23.25
N PHE B 428 -4.81 -0.76 23.28
CA PHE B 428 -3.44 -1.21 23.60
C PHE B 428 -3.37 -1.75 25.02
N GLU B 429 -4.19 -1.18 25.91
CA GLU B 429 -4.32 -1.69 27.27
C GLU B 429 -5.00 -3.06 27.31
N LYS B 430 -5.97 -3.24 26.42
CA LYS B 430 -6.76 -4.47 26.43
C LYS B 430 -5.99 -5.66 25.85
N ILE B 431 -5.08 -5.40 24.91
CA ILE B 431 -4.29 -6.50 24.37
C ILE B 431 -3.18 -6.87 25.36
N LYS B 432 -2.72 -5.90 26.14
CA LYS B 432 -1.74 -6.21 27.18
C LYS B 432 -2.28 -7.30 28.10
N SER B 433 -3.60 -7.33 28.26
CA SER B 433 -4.25 -8.23 29.21
C SER B 433 -4.51 -9.62 28.61
N GLN B 434 -4.94 -9.66 27.35
CA GLN B 434 -5.23 -10.93 26.68
C GLN B 434 -4.12 -11.97 26.86
S SO4 C . 20.86 -5.55 16.71
O1 SO4 C . 21.52 -5.66 18.01
O2 SO4 C . 21.89 -5.44 15.67
O3 SO4 C . 20.09 -6.77 16.47
O4 SO4 C . 19.94 -4.41 16.72
C P5S D . 14.48 -18.15 1.31
N P5S D . 12.67 -18.66 2.91
O P5S D . 15.11 -19.09 1.83
C1 P5S D . 13.78 -11.61 -1.20
C2 P5S D . 12.69 -12.65 -0.66
C3 P5S D . 12.69 -12.94 0.93
CA P5S D . 12.92 -18.16 1.55
CB P5S D . 12.13 -16.88 1.38
OG P5S D . 12.60 -15.93 2.44
P12 P5S D . 11.72 -14.73 2.54
O13 P5S D . 10.41 -15.38 2.87
O15 P5S D . 12.14 -14.02 3.60
O16 P5S D . 11.58 -13.92 1.21
C17 P5S D . 14.53 -11.44 -3.54
O18 P5S D . 15.66 -11.45 -3.05
O19 P5S D . 13.44 -11.38 -2.62
C20 P5S D . 14.34 -11.10 -5.06
C21 P5S D . 15.49 -10.16 -5.64
C22 P5S D . 14.88 -8.73 -6.00
C23 P5S D . 15.84 -7.47 -5.87
C24 P5S D . 15.12 -6.21 -6.51
C25 P5S D . 15.91 -4.84 -6.37
C26 P5S D . 16.01 -4.32 -4.88
C27 P5S D . 14.60 -4.23 -4.20
C28 P5S D . 13.79 -2.98 -4.68
C29 P5S D . 14.24 -1.69 -3.90
C30 P5S D . 13.69 -0.37 -4.55
C31 P5S D . 14.79 0.75 -4.46
C32 P5S D . 14.23 2.13 -4.93
C33 P5S D . 15.21 3.30 -4.61
C34 P5S D . 14.95 4.50 -5.55
C35 P5S D . 15.61 4.31 -6.95
O37 P5S D . 12.83 -14.04 -1.25
C38 P5S D . 11.73 -14.76 -1.95
C39 P5S D . 11.86 -16.14 -2.60
C40 P5S D . 11.33 -16.28 -4.07
C41 P5S D . 12.23 -15.34 -4.98
C42 P5S D . 11.91 -15.50 -6.51
C43 P5S D . 12.40 -14.22 -7.30
C44 P5S D . 13.95 -13.99 -7.09
C45 P5S D . 14.78 -14.86 -8.09
C46 P5S D . 15.31 -16.13 -7.41
O47 P5S D . 10.69 -14.09 -2.12
C48 P5S D . 16.62 -16.29 -7.22
C49 P5S D . 17.13 -17.52 -6.49
C50 P5S D . 15.94 -18.43 -6.04
C51 P5S D . 15.63 -19.44 -7.18
C52 P5S D . 15.17 -20.80 -6.61
C53 P5S D . 13.65 -20.75 -6.29
C54 P5S D . 13.15 -22.15 -5.87
C55 P5S D . 11.72 -21.99 -5.29
C56 P5S D . 11.39 -23.14 -4.32
OXT P5S D . 15.02 -17.27 0.61
S1 DTU E . 24.60 7.47 17.05
C1 DTU E . 26.33 7.83 16.81
C2 DTU E . 27.36 6.75 17.16
O2 DTU E . 26.82 5.51 17.46
C3 DTU E . 28.53 6.68 16.19
O3 DTU E . 28.41 5.70 15.23
C4 DTU E . 28.92 8.00 15.60
S4 DTU E . 28.62 8.12 13.86
S SO4 F . -12.11 8.59 7.33
O1 SO4 F . -10.78 8.10 7.69
O2 SO4 F . -12.37 8.37 5.92
O3 SO4 F . -13.10 7.87 8.13
O4 SO4 F . -12.17 10.04 7.60
C P5S G . -13.60 18.79 4.25
N P5S G . -11.32 19.48 4.92
O P5S G . -14.27 17.77 4.00
C1 P5S G . -13.34 11.86 2.86
C2 P5S G . -12.29 13.00 2.59
C3 P5S G . -11.71 13.63 3.94
CA P5S G . -12.08 18.83 3.85
CB P5S G . -11.37 17.50 3.51
OG P5S G . -11.14 16.77 4.79
P12 P5S G . -10.32 15.52 4.69
O13 P5S G . -8.92 16.02 4.43
O15 P5S G . -10.37 14.92 5.89
O16 P5S G . -10.65 14.57 3.52
C17 P5S G . -14.72 11.42 0.86
O18 P5S G . -15.71 11.75 1.49
O19 P5S G . -13.45 11.38 1.49
C20 P5S G . -14.66 11.36 -0.67
C21 P5S G . -15.30 10.12 -1.32
C22 P5S G . -16.75 10.27 -0.77
C23 P5S G . -17.09 8.90 -0.11
C24 P5S G . -16.33 7.71 -0.82
C25 P5S G . -16.90 6.44 -0.07
C26 P5S G . -16.74 5.05 -0.82
C27 P5S G . -16.89 3.91 0.27
C28 P5S G . -15.71 3.96 1.32
C29 P5S G . -14.57 2.94 0.89
C30 P5S G . -14.58 1.65 1.80
C31 P5S G . -14.29 0.31 1.02
C32 P5S G . -14.95 -0.85 1.85
C33 P5S G . -14.72 -2.26 1.24
C34 P5S G . -15.48 -3.29 2.12
C35 P5S G . -15.48 -4.69 1.47
C36 P5S G . -16.67 -4.78 0.46
O37 P5S G . -12.84 14.18 1.81
C38 P5S G . -12.23 14.76 0.59
C39 P5S G . -12.70 16.02 -0.15
C40 P5S G . -12.69 15.92 -1.70
C41 P5S G . -13.73 14.78 -2.08
C42 P5S G . -13.85 14.64 -3.65
C43 P5S G . -14.18 13.15 -4.04
C44 P5S G . -15.70 12.99 -4.35
C45 P5S G . -16.47 13.68 -3.19
C46 P5S G . -17.25 14.91 -3.66
O47 P5S G . -11.23 14.14 0.19
C48 P5S G . -18.40 15.18 -3.05
C49 P5S G . -18.52 16.36 -2.08
C50 P5S G . -17.47 17.48 -2.32
C51 P5S G . -17.96 18.41 -3.46
C52 P5S G . -17.29 19.83 -3.36
C53 P5S G . -15.78 19.75 -3.62
C54 P5S G . -15.17 21.17 -3.86
C55 P5S G . -13.62 21.11 -3.88
C56 P5S G . -12.98 22.52 -3.73
OXT P5S G . -14.06 19.73 4.94
S1 DTT H . -2.74 16.82 -5.98
C1 DTT H . -1.63 15.47 -5.64
C2 DTT H . -2.05 14.11 -6.14
O2 DTT H . -3.42 13.94 -6.18
C3 DTT H . -1.29 12.97 -5.47
O3 DTT H . -1.17 13.14 -4.09
C4 DTT H . -1.69 11.58 -5.90
S4 DTT H . -1.39 10.23 -4.76
#